data_7KM5
#
_entry.id   7KM5
#
_cell.length_a   60.849
_cell.length_b   60.849
_cell.length_c   410.701
_cell.angle_alpha   90.000
_cell.angle_beta   90.000
_cell.angle_gamma   90.000
#
_symmetry.space_group_name_H-M   'P 43 21 2'
#
loop_
_entity.id
_entity.type
_entity.pdbx_description
1 polymer 'Spike protein S1'
2 polymer nanobody
3 branched 2-acetamido-2-deoxy-beta-D-glucopyranose-(1-4)-2-acetamido-2-deoxy-beta-D-glucopyranose
4 non-polymer 'CHLORIDE ION'
#
loop_
_entity_poly.entity_id
_entity_poly.type
_entity_poly.pdbx_seq_one_letter_code
_entity_poly.pdbx_strand_id
1 'polypeptide(L)'
;RVQPTESIVRFPNITNLCPFGEVFNATRFASVYAWNRKRISNCVADYSVLYNSASFSTFKCYGVSPTKLNDLCFTNVYAD
SFVIRGDEVRQIAPGQTGKIADYNYKLPDDFTGCVIAWNSNNLDSKVGGNYNYLYRLFRKSNLKPFERDISTEIYQAGST
PCNGVEGFNCYFPLQSYGFQPTNGVGYQPYRVVVLSFELLHAPATVCGPKKSTNLVKHHHHHHHH
;
A,B
2 'polypeptide(L)'
;QVQLVESGGGLVQPGGSLRLSCAASGFTFKNADMNWYRQVPGQGLEWVTSIYSDGRTVYADSVKGRFTVSRDNPKSTVSL
QMNSLKPEDTGVYYCMAGSKSGHELDHWGQGTQVTVSSHHHHHH
;
C,D
#
loop_
_chem_comp.id
_chem_comp.type
_chem_comp.name
_chem_comp.formula
CL non-polymer 'CHLORIDE ION' 'Cl -1'
NAG D-saccharide, beta linking 2-acetamido-2-deoxy-beta-D-glucopyranose 'C8 H15 N O6'
#
# COMPACT_ATOMS: atom_id res chain seq x y z
N THR A 15 10.54 24.71 39.65
CA THR A 15 10.40 23.83 38.50
C THR A 15 9.58 24.49 37.39
N ASN A 16 9.31 25.78 37.56
CA ASN A 16 8.53 26.56 36.60
C ASN A 16 9.42 27.17 35.51
N LEU A 17 10.37 26.41 35.00
CA LEU A 17 11.32 26.91 34.00
C LEU A 17 10.79 26.65 32.60
N CYS A 18 11.03 27.61 31.70
CA CYS A 18 10.60 27.46 30.32
C CYS A 18 11.41 26.37 29.63
N PRO A 19 10.78 25.53 28.81
CA PRO A 19 11.51 24.43 28.17
C PRO A 19 12.46 24.90 27.08
N PHE A 20 13.66 25.34 27.48
CA PHE A 20 14.66 25.75 26.49
C PHE A 20 15.31 24.55 25.82
N GLY A 21 15.53 23.47 26.57
CA GLY A 21 16.16 22.29 26.00
C GLY A 21 15.31 21.61 24.95
N GLU A 22 13.99 21.79 25.03
CA GLU A 22 13.09 21.18 24.05
C GLU A 22 13.21 21.79 22.67
N VAL A 23 13.90 22.92 22.52
CA VAL A 23 14.08 23.59 21.25
C VAL A 23 15.52 23.48 20.75
N PHE A 24 16.49 23.85 21.60
CA PHE A 24 17.89 23.79 21.19
C PHE A 24 18.39 22.35 21.19
N ASN A 25 18.24 21.65 22.30
CA ASN A 25 18.65 20.25 22.41
C ASN A 25 17.67 19.29 21.73
N ALA A 26 16.81 19.79 20.84
CA ALA A 26 15.89 18.93 20.13
C ALA A 26 16.65 17.98 19.20
N THR A 27 16.01 16.84 18.90
CA THR A 27 16.64 15.83 18.07
C THR A 27 16.47 16.11 16.58
N ARG A 28 15.25 16.39 16.14
CA ARG A 28 14.99 16.77 14.75
C ARG A 28 14.76 18.28 14.65
N PHE A 29 15.26 18.86 13.57
CA PHE A 29 15.03 20.27 13.26
C PHE A 29 14.34 20.36 11.92
N ALA A 30 13.30 21.18 11.85
CA ALA A 30 12.53 21.31 10.62
C ALA A 30 13.37 21.97 9.52
N SER A 31 12.94 21.78 8.28
CA SER A 31 13.56 22.49 7.17
C SER A 31 13.14 23.94 7.17
N VAL A 32 13.89 24.77 6.44
CA VAL A 32 13.65 26.21 6.48
C VAL A 32 12.35 26.57 5.78
N TYR A 33 11.95 25.81 4.75
CA TYR A 33 10.70 26.11 4.07
C TYR A 33 9.49 25.78 4.95
N ALA A 34 9.64 24.82 5.86
CA ALA A 34 8.57 24.42 6.77
C ALA A 34 9.09 24.49 8.21
N TRP A 35 9.52 25.69 8.61
CA TRP A 35 10.09 25.88 9.93
C TRP A 35 9.08 25.57 11.03
N ASN A 36 9.59 25.19 12.20
CA ASN A 36 8.77 24.78 13.33
C ASN A 36 8.77 25.87 14.39
N ARG A 37 7.59 26.26 14.84
CA ARG A 37 7.41 27.30 15.85
C ARG A 37 6.79 26.70 17.10
N LYS A 38 7.36 27.04 18.26
CA LYS A 38 6.86 26.57 19.55
C LYS A 38 6.65 27.78 20.45
N ARG A 39 5.40 28.03 20.83
CA ARG A 39 5.08 29.17 21.68
C ARG A 39 5.38 28.85 23.14
N ILE A 40 6.05 29.77 23.83
CA ILE A 40 6.45 29.60 25.21
C ILE A 40 5.78 30.69 26.04
N SER A 41 5.08 30.29 27.10
CA SER A 41 4.36 31.24 27.94
C SER A 41 4.19 30.66 29.33
N ASN A 42 4.08 31.54 30.32
CA ASN A 42 3.80 31.19 31.71
C ASN A 42 4.86 30.24 32.26
N CYS A 43 6.07 30.78 32.39
CA CYS A 43 7.20 30.05 32.94
C CYS A 43 8.33 31.04 33.19
N VAL A 44 9.40 30.56 33.80
CA VAL A 44 10.57 31.36 34.12
C VAL A 44 11.62 31.15 33.03
N ALA A 45 12.00 32.23 32.36
CA ALA A 45 12.96 32.18 31.26
C ALA A 45 14.33 32.59 31.78
N ASP A 46 15.25 31.62 31.84
CA ASP A 46 16.61 31.86 32.31
C ASP A 46 17.53 31.85 31.09
N TYR A 47 17.82 33.05 30.57
CA TYR A 47 18.70 33.18 29.42
C TYR A 47 20.18 33.13 29.78
N SER A 48 20.51 33.08 31.08
CA SER A 48 21.91 33.06 31.48
C SER A 48 22.57 31.74 31.09
N VAL A 49 21.84 30.63 31.18
CA VAL A 49 22.38 29.33 30.78
C VAL A 49 22.55 29.21 29.28
N LEU A 50 21.93 30.10 28.50
CA LEU A 50 22.15 30.09 27.07
C LEU A 50 23.54 30.61 26.72
N TYR A 51 23.94 31.72 27.34
CA TYR A 51 25.30 32.22 27.13
C TYR A 51 26.35 31.26 27.67
N ASN A 52 26.01 30.47 28.68
CA ASN A 52 26.94 29.52 29.26
C ASN A 52 27.00 28.22 28.44
N SER A 53 27.22 28.36 27.14
CA SER A 53 27.36 27.20 26.26
C SER A 53 28.51 27.42 25.28
N ALA A 54 28.64 28.66 24.78
CA ALA A 54 29.72 29.07 23.89
C ALA A 54 29.78 28.23 22.62
N SER A 55 28.71 27.51 22.29
CA SER A 55 28.66 26.69 21.09
C SER A 55 27.99 27.39 19.93
N PHE A 56 27.52 28.62 20.12
CA PHE A 56 26.75 29.33 19.11
C PHE A 56 27.67 30.20 18.26
N SER A 57 27.50 30.14 16.94
CA SER A 57 28.26 30.99 16.04
C SER A 57 27.64 32.37 15.92
N THR A 58 26.32 32.47 16.03
CA THR A 58 25.61 33.74 15.94
C THR A 58 24.63 33.84 17.11
N PHE A 59 24.69 34.97 17.83
CA PHE A 59 23.82 35.22 18.97
C PHE A 59 23.52 36.72 18.98
N LYS A 60 22.68 37.15 18.04
CA LYS A 60 22.34 38.55 17.88
C LYS A 60 20.88 38.78 18.26
N CYS A 61 20.63 39.93 18.92
CA CYS A 61 19.29 40.32 19.32
C CYS A 61 18.93 41.64 18.66
N TYR A 62 17.63 41.84 18.43
CA TYR A 62 17.11 43.06 17.84
C TYR A 62 16.04 43.65 18.75
N GLY A 63 16.08 44.97 18.94
CA GLY A 63 15.16 45.66 19.81
C GLY A 63 15.48 45.57 21.29
N VAL A 64 16.25 44.57 21.71
CA VAL A 64 16.68 44.43 23.09
C VAL A 64 18.17 44.13 23.10
N SER A 65 18.79 44.39 24.24
CA SER A 65 20.22 44.11 24.37
C SER A 65 20.43 42.70 24.92
N PRO A 66 21.24 41.86 24.29
CA PRO A 66 21.46 40.51 24.83
C PRO A 66 22.18 40.51 26.16
N THR A 67 23.04 41.49 26.40
CA THR A 67 23.70 41.59 27.70
C THR A 67 22.71 41.92 28.81
N LYS A 68 21.75 42.80 28.51
CA LYS A 68 20.72 43.18 29.47
C LYS A 68 19.52 42.24 29.44
N LEU A 69 19.69 41.02 28.92
CA LEU A 69 18.61 40.05 28.91
C LEU A 69 18.37 39.50 30.32
N ASN A 70 17.46 38.55 30.43
CA ASN A 70 17.09 37.87 31.67
C ASN A 70 16.46 38.82 32.70
N ASP A 71 16.23 40.08 32.32
CA ASP A 71 15.60 41.06 33.20
C ASP A 71 14.38 41.70 32.56
N LEU A 72 13.82 41.08 31.53
CA LEU A 72 12.70 41.61 30.77
C LEU A 72 11.50 40.70 30.90
N CYS A 73 10.34 41.22 30.50
CA CYS A 73 9.09 40.46 30.46
C CYS A 73 8.44 40.65 29.09
N PHE A 74 7.75 39.62 28.64
CA PHE A 74 7.07 39.66 27.35
C PHE A 74 5.76 38.88 27.45
N THR A 75 4.82 39.23 26.57
CA THR A 75 3.54 38.55 26.53
C THR A 75 3.71 37.10 26.06
N ASN A 76 4.28 36.92 24.87
CA ASN A 76 4.54 35.59 24.32
C ASN A 76 5.96 35.54 23.76
N VAL A 77 6.51 34.33 23.72
CA VAL A 77 7.85 34.09 23.18
C VAL A 77 7.74 32.96 22.17
N TYR A 78 7.96 33.27 20.90
CA TYR A 78 7.88 32.29 19.82
C TYR A 78 9.29 31.85 19.44
N ALA A 79 9.51 30.53 19.40
CA ALA A 79 10.81 29.95 19.08
C ALA A 79 10.69 29.24 17.74
N ASP A 80 11.25 29.87 16.69
CA ASP A 80 11.24 29.31 15.35
C ASP A 80 12.57 28.61 15.10
N SER A 81 12.51 27.30 14.89
CA SER A 81 13.71 26.48 14.72
C SER A 81 13.72 25.87 13.33
N PHE A 82 14.86 25.95 12.65
CA PHE A 82 15.05 25.36 11.33
C PHE A 82 16.54 25.12 11.13
N VAL A 83 16.92 24.77 9.90
CA VAL A 83 18.31 24.48 9.56
C VAL A 83 18.61 25.05 8.17
N ILE A 84 19.66 25.85 8.08
CA ILE A 84 20.18 26.32 6.79
C ILE A 84 21.69 26.14 6.80
N ARG A 85 22.37 26.62 5.78
CA ARG A 85 23.82 26.58 5.73
C ARG A 85 24.41 27.90 6.21
N GLY A 86 25.70 27.86 6.54
CA GLY A 86 26.36 29.04 7.10
C GLY A 86 26.36 30.23 6.17
N ASP A 87 26.44 29.98 4.87
CA ASP A 87 26.41 31.07 3.89
C ASP A 87 25.10 31.85 3.95
N GLU A 88 24.02 31.24 4.43
CA GLU A 88 22.71 31.86 4.44
C GLU A 88 22.28 32.33 5.83
N VAL A 89 23.13 32.19 6.85
CA VAL A 89 22.77 32.64 8.19
C VAL A 89 22.64 34.16 8.23
N ARG A 90 23.39 34.87 7.40
CA ARG A 90 23.27 36.32 7.34
C ARG A 90 21.88 36.77 6.90
N GLN A 91 21.14 35.92 6.20
CA GLN A 91 19.82 36.27 5.71
C GLN A 91 18.73 36.17 6.78
N ILE A 92 19.07 35.68 7.97
CA ILE A 92 18.11 35.63 9.07
C ILE A 92 18.19 36.94 9.83
N ALA A 93 17.73 38.02 9.20
CA ALA A 93 17.78 39.35 9.78
C ALA A 93 16.80 40.23 9.03
N PRO A 94 16.24 41.25 9.68
CA PRO A 94 15.29 42.14 8.98
C PRO A 94 15.97 42.86 7.82
N GLY A 95 15.24 42.96 6.70
CA GLY A 95 15.73 43.65 5.53
C GLY A 95 16.65 42.86 4.64
N GLN A 96 16.92 41.60 4.97
CA GLN A 96 17.83 40.80 4.17
C GLN A 96 17.13 40.25 2.93
N THR A 97 17.94 39.80 1.97
CA THR A 97 17.45 39.19 0.75
C THR A 97 18.22 37.91 0.47
N GLY A 98 17.69 37.11 -0.45
CA GLY A 98 18.23 35.82 -0.79
C GLY A 98 17.15 34.76 -0.83
N LYS A 99 17.57 33.55 -1.19
CA LYS A 99 16.62 32.45 -1.30
C LYS A 99 15.97 32.13 0.04
N ILE A 100 16.70 32.30 1.14
CA ILE A 100 16.16 31.99 2.45
C ILE A 100 15.30 33.14 2.97
N ALA A 101 15.77 34.37 2.82
CA ALA A 101 15.05 35.51 3.37
C ALA A 101 13.81 35.87 2.57
N ASP A 102 13.81 35.59 1.25
CA ASP A 102 12.68 35.96 0.41
C ASP A 102 11.65 34.85 0.28
N TYR A 103 12.11 33.60 0.12
CA TYR A 103 11.22 32.50 -0.22
C TYR A 103 10.98 31.51 0.92
N ASN A 104 11.67 31.64 2.05
CA ASN A 104 11.58 30.61 3.08
C ASN A 104 11.22 31.18 4.44
N TYR A 105 11.97 32.16 4.93
CA TYR A 105 11.73 32.72 6.26
C TYR A 105 12.12 34.19 6.24
N LYS A 106 11.12 35.07 6.37
CA LYS A 106 11.32 36.50 6.34
C LYS A 106 10.98 37.10 7.69
N LEU A 107 11.89 37.90 8.23
CA LEU A 107 11.64 38.58 9.50
C LEU A 107 11.15 40.00 9.25
N PRO A 108 10.24 40.50 10.08
CA PRO A 108 9.74 41.86 9.88
C PRO A 108 10.81 42.89 10.20
N ASP A 109 10.59 44.10 9.68
CA ASP A 109 11.53 45.18 9.96
C ASP A 109 11.47 45.61 11.42
N ASP A 110 10.29 45.55 12.03
CA ASP A 110 10.13 45.93 13.43
C ASP A 110 10.36 44.73 14.34
N PHE A 111 11.26 43.83 13.93
CA PHE A 111 11.49 42.61 14.68
C PHE A 111 12.13 42.93 16.02
N THR A 112 11.52 42.43 17.10
CA THR A 112 12.02 42.60 18.45
C THR A 112 12.22 41.21 19.05
N GLY A 113 13.42 40.66 18.88
CA GLY A 113 13.75 39.35 19.40
C GLY A 113 15.23 39.05 19.32
N CYS A 114 15.59 37.77 19.24
CA CYS A 114 16.98 37.37 19.15
C CYS A 114 17.12 36.28 18.08
N VAL A 115 18.29 36.23 17.46
CA VAL A 115 18.60 35.25 16.41
C VAL A 115 19.81 34.46 16.88
N ILE A 116 19.61 33.16 17.13
CA ILE A 116 20.65 32.28 17.63
C ILE A 116 20.91 31.20 16.58
N ALA A 117 22.18 30.90 16.35
CA ALA A 117 22.58 29.89 15.37
C ALA A 117 23.87 29.25 15.81
N TRP A 118 24.05 27.98 15.41
CA TRP A 118 25.26 27.24 15.74
C TRP A 118 25.48 26.16 14.70
N ASN A 119 26.76 25.78 14.52
CA ASN A 119 27.11 24.77 13.53
C ASN A 119 26.70 23.39 14.01
N SER A 120 26.07 22.63 13.12
CA SER A 120 25.62 21.27 13.40
C SER A 120 26.06 20.33 12.28
N ASN A 121 27.35 20.33 12.00
CA ASN A 121 27.89 19.47 10.94
C ASN A 121 28.00 18.02 11.40
N ASN A 122 28.32 17.81 12.67
CA ASN A 122 28.42 16.45 13.20
C ASN A 122 27.06 15.84 13.52
N LEU A 123 25.97 16.57 13.29
CA LEU A 123 24.62 16.09 13.58
C LEU A 123 23.71 16.10 12.37
N ASP A 124 23.76 17.14 11.54
CA ASP A 124 22.89 17.29 10.38
C ASP A 124 23.67 17.13 9.07
N SER A 125 24.60 16.19 9.03
CA SER A 125 25.40 15.95 7.83
C SER A 125 25.88 14.51 7.83
N LYS A 126 25.59 13.80 6.74
CA LYS A 126 25.95 12.40 6.59
C LYS A 126 26.77 12.21 5.33
N VAL A 127 27.49 11.10 5.27
CA VAL A 127 28.34 10.80 4.13
C VAL A 127 27.48 10.53 2.90
N GLY A 128 27.82 11.19 1.79
CA GLY A 128 27.05 11.09 0.57
C GLY A 128 25.98 12.14 0.41
N GLY A 129 25.58 12.80 1.50
CA GLY A 129 24.56 13.82 1.44
C GLY A 129 23.39 13.56 2.35
N ASN A 130 23.10 14.50 3.25
CA ASN A 130 21.95 14.41 4.13
C ASN A 130 20.77 15.07 3.42
N TYR A 131 19.96 14.27 2.74
CA TYR A 131 18.82 14.76 1.97
C TYR A 131 17.58 15.00 2.81
N ASN A 132 17.69 14.93 4.15
CA ASN A 132 16.53 15.15 4.99
C ASN A 132 16.07 16.60 4.96
N TYR A 133 17.00 17.55 4.79
CA TYR A 133 16.69 18.96 4.85
C TYR A 133 16.46 19.52 3.44
N LEU A 134 15.45 20.37 3.32
CA LEU A 134 15.07 20.98 2.07
C LEU A 134 15.01 22.49 2.24
N TYR A 135 14.93 23.19 1.11
CA TYR A 135 14.75 24.64 1.11
C TYR A 135 14.06 25.05 -0.18
N ARG A 136 13.13 26.00 -0.06
CA ARG A 136 12.44 26.50 -1.24
C ARG A 136 13.39 27.35 -2.08
N LEU A 137 13.48 27.03 -3.37
CA LEU A 137 14.36 27.73 -4.28
C LEU A 137 13.61 28.70 -5.20
N PHE A 138 12.46 28.29 -5.71
CA PHE A 138 11.67 29.11 -6.62
C PHE A 138 10.34 29.49 -5.98
N ARG A 139 9.89 30.71 -6.24
CA ARG A 139 8.61 31.19 -5.75
C ARG A 139 8.21 32.41 -6.57
N LYS A 140 6.91 32.53 -6.85
CA LYS A 140 6.43 33.62 -7.69
C LYS A 140 6.51 34.97 -7.00
N SER A 141 6.69 35.00 -5.68
CA SER A 141 6.80 36.25 -4.93
C SER A 141 7.47 35.94 -3.60
N ASN A 142 7.97 36.98 -2.94
CA ASN A 142 8.59 36.76 -1.65
C ASN A 142 7.54 36.60 -0.56
N LEU A 143 8.00 36.07 0.58
CA LEU A 143 7.11 35.82 1.71
C LEU A 143 6.89 37.08 2.53
N LYS A 144 5.81 37.07 3.29
CA LYS A 144 5.56 38.09 4.28
C LYS A 144 6.28 37.72 5.58
N PRO A 145 6.43 38.68 6.50
CA PRO A 145 7.00 38.36 7.81
C PRO A 145 6.22 37.24 8.49
N PHE A 146 6.94 36.20 8.89
CA PHE A 146 6.39 35.04 9.61
C PHE A 146 5.36 34.29 8.76
N GLU A 147 5.52 34.31 7.44
CA GLU A 147 4.68 33.53 6.54
C GLU A 147 5.40 32.24 6.15
N ARG A 148 4.68 31.14 6.19
CA ARG A 148 5.21 29.83 5.84
C ARG A 148 4.49 29.30 4.61
N ASP A 149 5.27 28.94 3.58
CA ASP A 149 4.74 28.43 2.33
C ASP A 149 5.24 27.00 2.14
N ILE A 150 4.37 26.03 2.38
CA ILE A 150 4.70 24.62 2.21
C ILE A 150 4.12 24.06 0.91
N SER A 151 3.69 24.92 0.00
CA SER A 151 3.09 24.47 -1.24
C SER A 151 4.14 23.84 -2.15
N THR A 152 3.78 22.73 -2.79
CA THR A 152 4.65 22.01 -3.71
C THR A 152 4.22 22.21 -5.16
N GLU A 153 3.56 23.34 -5.45
CA GLU A 153 3.11 23.62 -6.80
C GLU A 153 4.30 23.78 -7.74
N ILE A 154 4.18 23.20 -8.93
CA ILE A 154 5.26 23.29 -9.92
C ILE A 154 5.44 24.74 -10.34
N TYR A 155 6.65 25.26 -10.19
CA TYR A 155 6.92 26.65 -10.51
C TYR A 155 7.07 26.82 -12.02
N GLN A 156 6.39 27.83 -12.56
CA GLN A 156 6.45 28.12 -14.00
C GLN A 156 7.54 29.15 -14.23
N ALA A 157 8.70 28.68 -14.71
CA ALA A 157 9.86 29.55 -14.87
C ALA A 157 9.69 30.51 -16.04
N GLY A 158 9.13 30.03 -17.15
CA GLY A 158 8.94 30.87 -18.31
C GLY A 158 7.48 31.09 -18.64
N SER A 159 7.20 31.47 -19.89
CA SER A 159 5.82 31.65 -20.32
C SER A 159 5.14 30.33 -20.69
N THR A 160 5.87 29.23 -20.68
CA THR A 160 5.29 27.93 -21.02
C THR A 160 4.60 27.33 -19.79
N PRO A 161 3.34 26.93 -19.91
CA PRO A 161 2.65 26.32 -18.76
C PRO A 161 3.24 24.97 -18.41
N CYS A 162 2.85 24.48 -17.23
CA CYS A 162 3.39 23.24 -16.68
C CYS A 162 2.38 22.14 -16.47
N ASN A 163 1.12 22.48 -16.13
CA ASN A 163 0.07 21.50 -15.90
C ASN A 163 0.44 20.53 -14.77
N GLY A 164 1.21 21.00 -13.80
CA GLY A 164 1.60 20.16 -12.68
C GLY A 164 2.65 19.12 -12.99
N VAL A 165 3.29 19.19 -14.15
CA VAL A 165 4.32 18.23 -14.55
C VAL A 165 5.62 18.98 -14.78
N GLU A 166 6.70 18.47 -14.19
CA GLU A 166 8.01 19.11 -14.36
C GLU A 166 8.50 18.95 -15.79
N GLY A 167 9.50 19.76 -16.14
CA GLY A 167 10.07 19.73 -17.47
C GLY A 167 10.77 21.01 -17.85
N PHE A 168 10.67 21.39 -19.13
CA PHE A 168 11.30 22.61 -19.61
C PHE A 168 10.60 23.82 -19.03
N ASN A 169 11.38 24.69 -18.36
CA ASN A 169 10.86 25.88 -17.69
C ASN A 169 9.80 25.53 -16.64
N CYS A 170 9.90 24.34 -16.06
CA CYS A 170 8.97 23.86 -15.04
C CYS A 170 9.77 23.03 -14.05
N TYR A 171 10.12 23.62 -12.92
CA TYR A 171 10.96 22.98 -11.92
C TYR A 171 10.20 22.77 -10.63
N PHE A 172 10.62 21.77 -9.85
CA PHE A 172 10.04 21.55 -8.55
C PHE A 172 10.44 22.68 -7.61
N PRO A 173 9.50 23.19 -6.81
CA PRO A 173 9.81 24.38 -5.98
C PRO A 173 10.84 24.12 -4.90
N LEU A 174 10.86 22.92 -4.32
CA LEU A 174 11.79 22.62 -3.24
C LEU A 174 13.12 22.12 -3.78
N GLN A 175 14.10 22.02 -2.89
CA GLN A 175 15.45 21.61 -3.27
C GLN A 175 16.18 21.16 -2.00
N SER A 176 16.97 20.10 -2.13
CA SER A 176 17.71 19.57 -0.99
C SER A 176 19.09 20.21 -0.89
N TYR A 177 19.62 20.22 0.34
CA TYR A 177 20.96 20.74 0.56
C TYR A 177 22.01 19.69 0.21
N GLY A 178 21.87 18.48 0.75
CA GLY A 178 22.87 17.46 0.57
C GLY A 178 24.11 17.74 1.41
N PHE A 179 23.90 17.98 2.71
CA PHE A 179 25.01 18.33 3.59
C PHE A 179 26.02 17.18 3.68
N GLN A 180 27.29 17.51 3.46
CA GLN A 180 28.38 16.58 3.61
C GLN A 180 29.41 17.15 4.58
N PRO A 181 30.08 16.29 5.37
CA PRO A 181 31.09 16.80 6.31
C PRO A 181 32.31 17.39 5.62
N THR A 182 32.50 17.13 4.33
CA THR A 182 33.64 17.61 3.58
C THR A 182 33.38 18.92 2.86
N ASN A 183 32.17 19.48 2.96
CA ASN A 183 31.85 20.72 2.28
C ASN A 183 32.57 21.89 2.94
N GLY A 184 32.50 23.05 2.28
CA GLY A 184 33.04 24.26 2.86
C GLY A 184 32.25 24.72 4.07
N VAL A 185 32.88 25.59 4.85
CA VAL A 185 32.26 26.07 6.09
C VAL A 185 31.00 26.87 5.79
N GLY A 186 30.92 27.48 4.61
CA GLY A 186 29.73 28.23 4.25
C GLY A 186 28.54 27.36 3.91
N TYR A 187 28.80 26.13 3.46
CA TYR A 187 27.74 25.21 3.07
C TYR A 187 27.38 24.19 4.13
N GLN A 188 28.12 24.15 5.24
CA GLN A 188 27.83 23.21 6.30
C GLN A 188 26.52 23.58 7.00
N PRO A 189 25.81 22.60 7.57
CA PRO A 189 24.51 22.89 8.17
C PRO A 189 24.64 23.64 9.48
N TYR A 190 23.74 24.60 9.69
CA TYR A 190 23.69 25.39 10.91
C TYR A 190 22.26 25.38 11.44
N ARG A 191 22.11 25.03 12.72
CA ARG A 191 20.80 25.05 13.35
C ARG A 191 20.50 26.45 13.87
N VAL A 192 19.35 26.99 13.47
CA VAL A 192 18.97 28.36 13.79
C VAL A 192 17.72 28.32 14.67
N VAL A 193 17.71 29.14 15.72
CA VAL A 193 16.56 29.29 16.61
C VAL A 193 16.31 30.79 16.76
N VAL A 194 15.18 31.26 16.23
CA VAL A 194 14.83 32.67 16.24
C VAL A 194 13.78 32.88 17.32
N LEU A 195 14.17 33.55 18.40
CA LEU A 195 13.27 33.86 19.51
C LEU A 195 12.58 35.19 19.23
N SER A 196 11.25 35.17 19.18
CA SER A 196 10.45 36.36 18.94
C SER A 196 9.80 36.80 20.24
N PHE A 197 10.03 38.07 20.62
CA PHE A 197 9.50 38.63 21.85
C PHE A 197 8.34 39.55 21.49
N GLU A 198 7.12 39.13 21.84
CA GLU A 198 5.90 39.85 21.50
C GLU A 198 5.46 40.71 22.67
N LEU A 199 5.19 41.98 22.40
CA LEU A 199 4.75 42.94 23.41
C LEU A 199 3.48 43.61 22.93
N LEU A 200 2.37 43.32 23.61
CA LEU A 200 1.06 43.88 23.26
C LEU A 200 0.51 44.61 24.48
N HIS A 201 -0.75 45.07 24.36
CA HIS A 201 -1.44 45.68 25.49
C HIS A 201 -1.86 44.65 26.54
N ALA A 202 -1.60 43.37 26.29
CA ALA A 202 -1.95 42.31 27.22
C ALA A 202 -0.84 42.12 28.26
N PRO A 203 -1.18 41.55 29.41
CA PRO A 203 -0.15 41.30 30.43
C PRO A 203 0.90 40.31 29.95
N ALA A 204 2.09 40.41 30.54
CA ALA A 204 3.20 39.56 30.17
C ALA A 204 3.15 38.25 30.92
N THR A 205 3.62 37.19 30.26
CA THR A 205 3.62 35.85 30.83
C THR A 205 5.00 35.19 30.88
N VAL A 206 6.01 35.78 30.23
CA VAL A 206 7.35 35.21 30.19
C VAL A 206 8.29 36.20 30.85
N CYS A 207 8.69 35.91 32.09
CA CYS A 207 9.67 36.74 32.79
C CYS A 207 10.81 35.88 33.31
N GLY A 208 11.29 36.18 34.50
CA GLY A 208 12.35 35.39 35.13
C GLY A 208 13.75 35.83 34.77
N THR B 15 -21.97 3.85 -26.93
CA THR B 15 -22.05 2.78 -25.94
C THR B 15 -20.85 1.84 -26.07
N ASN B 16 -19.76 2.35 -26.65
CA ASN B 16 -18.54 1.57 -26.84
C ASN B 16 -17.63 1.59 -25.61
N LEU B 17 -18.20 1.42 -24.42
CA LEU B 17 -17.43 1.38 -23.19
C LEU B 17 -17.19 -0.06 -22.77
N CYS B 18 -16.14 -0.24 -21.96
CA CYS B 18 -15.78 -1.59 -21.53
C CYS B 18 -16.78 -2.09 -20.49
N PRO B 19 -17.20 -3.36 -20.58
CA PRO B 19 -18.22 -3.90 -19.65
C PRO B 19 -17.66 -4.17 -18.26
N PHE B 20 -17.37 -3.10 -17.52
CA PHE B 20 -16.91 -3.26 -16.15
C PHE B 20 -18.02 -3.81 -15.25
N GLY B 21 -19.27 -3.47 -15.54
CA GLY B 21 -20.37 -3.99 -14.74
C GLY B 21 -20.50 -5.49 -14.82
N GLU B 22 -20.12 -6.08 -15.94
CA GLU B 22 -20.21 -7.53 -16.10
C GLU B 22 -19.13 -8.28 -15.34
N VAL B 23 -18.21 -7.58 -14.68
CA VAL B 23 -17.15 -8.20 -13.90
C VAL B 23 -17.31 -7.91 -12.41
N PHE B 24 -17.63 -6.67 -12.05
CA PHE B 24 -17.78 -6.33 -10.63
C PHE B 24 -19.18 -6.65 -10.13
N ASN B 25 -20.21 -6.26 -10.89
CA ASN B 25 -21.60 -6.57 -10.54
C ASN B 25 -22.00 -7.99 -10.91
N ALA B 26 -21.04 -8.90 -11.09
CA ALA B 26 -21.36 -10.27 -11.45
C ALA B 26 -22.08 -10.98 -10.31
N THR B 27 -22.88 -11.99 -10.68
CA THR B 27 -23.66 -12.73 -9.69
C THR B 27 -22.78 -13.70 -8.91
N ARG B 28 -22.11 -14.61 -9.61
CA ARG B 28 -21.25 -15.59 -8.97
C ARG B 28 -19.78 -15.23 -9.19
N PHE B 29 -18.97 -15.54 -8.19
CA PHE B 29 -17.52 -15.32 -8.24
C PHE B 29 -16.81 -16.65 -8.04
N ALA B 30 -15.74 -16.87 -8.80
CA ALA B 30 -15.00 -18.11 -8.71
C ALA B 30 -14.14 -18.13 -7.44
N SER B 31 -13.68 -19.33 -7.10
CA SER B 31 -12.75 -19.48 -5.99
C SER B 31 -11.35 -19.08 -6.42
N VAL B 32 -10.48 -18.87 -5.42
CA VAL B 32 -9.15 -18.33 -5.72
C VAL B 32 -8.29 -19.37 -6.41
N TYR B 33 -8.45 -20.66 -6.10
CA TYR B 33 -7.66 -21.68 -6.76
C TYR B 33 -8.04 -21.83 -8.22
N ALA B 34 -9.31 -21.60 -8.56
CA ALA B 34 -9.77 -21.65 -9.94
C ALA B 34 -10.33 -20.30 -10.34
N TRP B 35 -9.49 -19.26 -10.25
CA TRP B 35 -9.93 -17.91 -10.56
C TRP B 35 -10.36 -17.79 -12.02
N ASN B 36 -11.27 -16.87 -12.27
CA ASN B 36 -11.85 -16.66 -13.59
C ASN B 36 -11.26 -15.41 -14.23
N ARG B 37 -10.97 -15.49 -15.52
CA ARG B 37 -10.39 -14.39 -16.27
C ARG B 37 -11.33 -13.99 -17.40
N LYS B 38 -11.61 -12.69 -17.50
CA LYS B 38 -12.43 -12.13 -18.56
C LYS B 38 -11.58 -11.13 -19.34
N ARG B 39 -11.43 -11.37 -20.64
CA ARG B 39 -10.63 -10.49 -21.48
C ARG B 39 -11.44 -9.26 -21.86
N ILE B 40 -10.76 -8.11 -21.91
CA ILE B 40 -11.38 -6.82 -22.21
C ILE B 40 -10.60 -6.19 -23.35
N SER B 41 -11.28 -5.90 -24.46
CA SER B 41 -10.62 -5.33 -25.63
C SER B 41 -11.64 -4.56 -26.46
N ASN B 42 -11.12 -3.65 -27.28
CA ASN B 42 -11.92 -2.87 -28.24
C ASN B 42 -13.07 -2.15 -27.54
N CYS B 43 -12.70 -1.26 -26.62
CA CYS B 43 -13.68 -0.50 -25.86
C CYS B 43 -12.98 0.68 -25.19
N VAL B 44 -13.79 1.56 -24.61
CA VAL B 44 -13.30 2.74 -23.89
C VAL B 44 -13.37 2.46 -22.40
N ALA B 45 -12.23 2.50 -21.73
CA ALA B 45 -12.13 2.20 -20.31
C ALA B 45 -12.02 3.51 -19.53
N ASP B 46 -13.07 3.84 -18.79
CA ASP B 46 -13.09 5.03 -17.94
C ASP B 46 -12.93 4.55 -16.49
N TYR B 47 -11.69 4.54 -16.02
CA TYR B 47 -11.39 4.05 -14.67
C TYR B 47 -11.82 5.03 -13.59
N SER B 48 -12.14 6.28 -13.94
CA SER B 48 -12.54 7.26 -12.94
C SER B 48 -13.90 6.91 -12.34
N VAL B 49 -14.86 6.53 -13.19
CA VAL B 49 -16.18 6.16 -12.70
C VAL B 49 -16.18 4.84 -11.96
N LEU B 50 -15.12 4.04 -12.10
CA LEU B 50 -15.01 2.80 -11.33
C LEU B 50 -14.75 3.11 -9.86
N TYR B 51 -13.75 3.96 -9.58
CA TYR B 51 -13.47 4.37 -8.22
C TYR B 51 -14.63 5.14 -7.60
N ASN B 52 -15.51 5.72 -8.42
CA ASN B 52 -16.64 6.49 -7.92
C ASN B 52 -17.75 5.61 -7.39
N SER B 53 -17.39 4.65 -6.53
CA SER B 53 -18.37 3.83 -5.83
C SER B 53 -18.18 3.81 -4.32
N ALA B 54 -17.01 4.16 -3.81
CA ALA B 54 -16.69 4.24 -2.39
C ALA B 54 -16.90 2.93 -1.64
N SER B 55 -17.17 1.84 -2.36
CA SER B 55 -17.39 0.53 -1.74
C SER B 55 -16.12 -0.31 -1.68
N PHE B 56 -15.04 0.13 -2.29
CA PHE B 56 -13.82 -0.66 -2.39
C PHE B 56 -12.92 -0.40 -1.20
N SER B 57 -12.41 -1.48 -0.60
CA SER B 57 -11.46 -1.37 0.50
C SER B 57 -10.02 -1.29 0.01
N THR B 58 -9.72 -1.91 -1.13
CA THR B 58 -8.37 -1.92 -1.69
C THR B 58 -8.47 -1.53 -3.16
N PHE B 59 -7.76 -0.46 -3.55
CA PHE B 59 -7.72 0.02 -4.93
C PHE B 59 -6.28 0.47 -5.21
N LYS B 60 -5.38 -0.49 -5.38
CA LYS B 60 -3.97 -0.22 -5.58
C LYS B 60 -3.54 -0.66 -6.98
N CYS B 61 -2.61 0.10 -7.56
CA CYS B 61 -2.08 -0.19 -8.89
C CYS B 61 -0.57 -0.37 -8.82
N TYR B 62 -0.04 -1.11 -9.78
CA TYR B 62 1.39 -1.40 -9.86
C TYR B 62 1.88 -1.10 -11.27
N GLY B 63 3.06 -0.49 -11.36
CA GLY B 63 3.63 -0.10 -12.64
C GLY B 63 2.98 1.10 -13.30
N VAL B 64 1.82 1.55 -12.80
CA VAL B 64 1.15 2.74 -13.30
C VAL B 64 0.62 3.53 -12.12
N SER B 65 0.34 4.81 -12.37
CA SER B 65 -0.19 5.69 -11.33
C SER B 65 -1.70 5.70 -11.40
N PRO B 66 -2.41 5.38 -10.31
CA PRO B 66 -3.89 5.42 -10.35
C PRO B 66 -4.45 6.83 -10.49
N THR B 67 -3.63 7.87 -10.26
CA THR B 67 -4.10 9.24 -10.43
C THR B 67 -4.49 9.50 -11.87
N LYS B 68 -3.65 9.10 -12.81
CA LYS B 68 -3.98 9.20 -14.24
C LYS B 68 -4.80 7.99 -14.65
N LEU B 69 -4.13 6.85 -14.84
CA LEU B 69 -4.78 5.56 -15.07
C LEU B 69 -5.55 5.53 -16.39
N ASN B 70 -6.50 6.45 -16.58
CA ASN B 70 -7.31 6.45 -17.80
C ASN B 70 -6.62 7.15 -18.97
N ASP B 71 -5.43 7.71 -18.77
CA ASP B 71 -4.69 8.37 -19.84
C ASP B 71 -3.71 7.44 -20.55
N LEU B 72 -3.94 6.13 -20.50
CA LEU B 72 -3.02 5.16 -21.07
C LEU B 72 -3.75 4.26 -22.06
N CYS B 73 -2.96 3.55 -22.86
CA CYS B 73 -3.46 2.57 -23.81
C CYS B 73 -2.80 1.22 -23.55
N PHE B 74 -3.52 0.15 -23.84
CA PHE B 74 -2.99 -1.20 -23.67
C PHE B 74 -3.56 -2.09 -24.77
N THR B 75 -2.83 -3.16 -25.06
CA THR B 75 -3.29 -4.13 -26.05
C THR B 75 -4.45 -4.96 -25.51
N ASN B 76 -4.27 -5.57 -24.34
CA ASN B 76 -5.30 -6.37 -23.70
C ASN B 76 -5.41 -5.99 -22.23
N VAL B 77 -6.57 -6.26 -21.65
CA VAL B 77 -6.83 -6.05 -20.24
C VAL B 77 -7.48 -7.32 -19.71
N TYR B 78 -6.77 -8.03 -18.82
CA TYR B 78 -7.25 -9.29 -18.26
C TYR B 78 -7.77 -9.04 -16.86
N ALA B 79 -9.06 -9.28 -16.66
CA ALA B 79 -9.72 -9.11 -15.37
C ALA B 79 -9.82 -10.47 -14.68
N ASP B 80 -9.02 -10.67 -13.64
CA ASP B 80 -9.02 -11.91 -12.88
C ASP B 80 -9.78 -11.67 -11.57
N SER B 81 -10.91 -12.37 -11.42
CA SER B 81 -11.80 -12.17 -10.28
C SER B 81 -11.92 -13.48 -9.49
N PHE B 82 -11.81 -13.36 -8.16
CA PHE B 82 -11.94 -14.51 -7.27
C PHE B 82 -12.34 -13.98 -5.89
N VAL B 83 -12.35 -14.87 -4.89
CA VAL B 83 -12.78 -14.52 -3.55
C VAL B 83 -11.82 -15.12 -2.54
N ILE B 84 -11.30 -14.28 -1.64
CA ILE B 84 -10.51 -14.72 -0.51
C ILE B 84 -11.02 -14.00 0.74
N ARG B 85 -10.27 -14.11 1.84
CA ARG B 85 -10.61 -13.40 3.06
C ARG B 85 -9.75 -12.14 3.20
N GLY B 86 -10.21 -11.24 4.08
CA GLY B 86 -9.53 -9.97 4.24
C GLY B 86 -8.09 -10.09 4.68
N ASP B 87 -7.78 -11.11 5.48
CA ASP B 87 -6.40 -11.31 5.92
C ASP B 87 -5.49 -11.69 4.75
N GLU B 88 -6.05 -12.33 3.73
CA GLU B 88 -5.26 -12.79 2.59
C GLU B 88 -5.20 -11.78 1.44
N VAL B 89 -5.94 -10.68 1.53
CA VAL B 89 -5.89 -9.67 0.46
C VAL B 89 -4.50 -9.07 0.35
N ARG B 90 -3.75 -9.04 1.45
CA ARG B 90 -2.41 -8.47 1.44
C ARG B 90 -1.43 -9.30 0.61
N GLN B 91 -1.80 -10.53 0.25
CA GLN B 91 -0.95 -11.39 -0.56
C GLN B 91 -1.17 -11.22 -2.06
N ILE B 92 -2.17 -10.43 -2.46
CA ILE B 92 -2.41 -10.18 -3.88
C ILE B 92 -1.53 -9.02 -4.33
N ALA B 93 -0.23 -9.29 -4.46
CA ALA B 93 0.75 -8.27 -4.82
C ALA B 93 2.01 -8.97 -5.29
N PRO B 94 2.82 -8.31 -6.12
CA PRO B 94 4.08 -8.93 -6.56
C PRO B 94 5.01 -9.19 -5.39
N GLY B 95 5.65 -10.36 -5.41
CA GLY B 95 6.62 -10.73 -4.41
C GLY B 95 6.05 -11.20 -3.09
N GLN B 96 4.73 -11.24 -2.93
CA GLN B 96 4.13 -11.69 -1.70
C GLN B 96 4.30 -13.20 -1.53
N THR B 97 4.08 -13.67 -0.31
CA THR B 97 4.16 -15.08 0.01
C THR B 97 3.01 -15.47 0.93
N GLY B 98 2.59 -16.71 0.81
CA GLY B 98 1.47 -17.22 1.58
C GLY B 98 0.79 -18.36 0.84
N LYS B 99 -0.24 -18.91 1.47
CA LYS B 99 -0.98 -20.00 0.85
C LYS B 99 -1.66 -19.54 -0.44
N ILE B 100 -2.21 -18.31 -0.43
CA ILE B 100 -2.85 -17.78 -1.63
C ILE B 100 -1.81 -17.37 -2.65
N ALA B 101 -0.74 -16.70 -2.20
CA ALA B 101 0.26 -16.17 -3.13
C ALA B 101 1.09 -17.27 -3.78
N ASP B 102 1.31 -18.37 -3.07
CA ASP B 102 2.17 -19.43 -3.60
C ASP B 102 1.39 -20.53 -4.30
N TYR B 103 0.19 -20.87 -3.79
CA TYR B 103 -0.53 -22.03 -4.27
C TYR B 103 -1.82 -21.71 -5.01
N ASN B 104 -2.26 -20.46 -5.02
CA ASN B 104 -3.55 -20.11 -5.60
C ASN B 104 -3.44 -19.07 -6.71
N TYR B 105 -2.88 -17.91 -6.43
CA TYR B 105 -2.82 -16.83 -7.43
C TYR B 105 -1.54 -16.03 -7.20
N LYS B 106 -0.58 -16.18 -8.11
CA LYS B 106 0.70 -15.50 -8.01
C LYS B 106 0.86 -14.51 -9.15
N LEU B 107 1.18 -13.27 -8.81
CA LEU B 107 1.45 -12.23 -9.79
C LEU B 107 2.95 -12.06 -9.99
N PRO B 108 3.40 -11.77 -11.20
CA PRO B 108 4.84 -11.60 -11.43
C PRO B 108 5.38 -10.37 -10.71
N ASP B 109 6.70 -10.35 -10.54
CA ASP B 109 7.34 -9.21 -9.90
C ASP B 109 7.22 -7.95 -10.75
N ASP B 110 7.30 -8.10 -12.07
CA ASP B 110 7.13 -6.99 -13.00
C ASP B 110 5.67 -6.75 -13.37
N PHE B 111 4.75 -7.03 -12.45
CA PHE B 111 3.33 -6.89 -12.74
C PHE B 111 2.97 -5.43 -12.98
N THR B 112 2.30 -5.17 -14.10
CA THR B 112 1.82 -3.83 -14.45
C THR B 112 0.30 -3.91 -14.56
N GLY B 113 -0.39 -3.47 -13.51
CA GLY B 113 -1.83 -3.50 -13.47
C GLY B 113 -2.39 -2.90 -12.19
N CYS B 114 -3.57 -3.32 -11.79
CA CYS B 114 -4.20 -2.81 -10.57
C CYS B 114 -4.85 -3.96 -9.82
N VAL B 115 -5.03 -3.76 -8.51
CA VAL B 115 -5.61 -4.75 -7.61
C VAL B 115 -6.75 -4.09 -6.86
N ILE B 116 -7.98 -4.52 -7.16
CA ILE B 116 -9.19 -3.97 -6.55
C ILE B 116 -9.84 -5.04 -5.70
N ALA B 117 -10.29 -4.64 -4.50
CA ALA B 117 -10.94 -5.57 -3.59
C ALA B 117 -11.93 -4.81 -2.72
N TRP B 118 -12.97 -5.52 -2.29
CA TRP B 118 -14.00 -4.92 -1.44
C TRP B 118 -14.66 -6.04 -0.63
N ASN B 119 -15.23 -5.65 0.51
CA ASN B 119 -15.86 -6.62 1.40
C ASN B 119 -17.19 -7.09 0.84
N SER B 120 -17.38 -8.41 0.80
CA SER B 120 -18.61 -9.03 0.33
C SER B 120 -19.13 -10.00 1.39
N ASN B 121 -19.28 -9.51 2.62
CA ASN B 121 -19.75 -10.37 3.70
C ASN B 121 -21.25 -10.61 3.64
N ASN B 122 -22.02 -9.64 3.16
CA ASN B 122 -23.46 -9.81 3.04
C ASN B 122 -23.86 -10.59 1.81
N LEU B 123 -22.90 -11.07 1.02
CA LEU B 123 -23.18 -11.83 -0.19
C LEU B 123 -22.51 -13.19 -0.20
N ASP B 124 -21.21 -13.26 0.08
CA ASP B 124 -20.45 -14.50 0.04
C ASP B 124 -20.28 -15.13 1.42
N SER B 125 -21.26 -14.97 2.29
CA SER B 125 -21.21 -15.56 3.63
C SER B 125 -22.61 -15.99 4.04
N LYS B 126 -22.73 -17.24 4.43
CA LYS B 126 -24.00 -17.83 4.85
C LYS B 126 -23.88 -18.36 6.27
N VAL B 127 -25.04 -18.56 6.91
CA VAL B 127 -25.05 -19.04 8.29
C VAL B 127 -24.55 -20.47 8.34
N GLY B 128 -23.83 -20.80 9.41
CA GLY B 128 -23.24 -22.12 9.57
C GLY B 128 -21.99 -22.36 8.77
N GLY B 129 -21.65 -21.49 7.83
CA GLY B 129 -20.45 -21.66 7.02
C GLY B 129 -20.76 -21.79 5.53
N ASN B 130 -20.19 -20.89 4.73
CA ASN B 130 -20.35 -20.93 3.28
C ASN B 130 -19.25 -21.79 2.71
N TYR B 131 -19.58 -23.05 2.40
CA TYR B 131 -18.63 -24.00 1.86
C TYR B 131 -18.51 -23.94 0.34
N ASN B 132 -19.05 -22.89 -0.30
CA ASN B 132 -18.96 -22.79 -1.74
C ASN B 132 -17.56 -22.44 -2.21
N TYR B 133 -16.86 -21.58 -1.46
CA TYR B 133 -15.56 -21.08 -1.88
C TYR B 133 -14.45 -21.95 -1.31
N LEU B 134 -13.43 -22.19 -2.14
CA LEU B 134 -12.33 -23.07 -1.79
C LEU B 134 -11.01 -22.36 -2.07
N TYR B 135 -9.94 -22.92 -1.50
CA TYR B 135 -8.59 -22.46 -1.76
C TYR B 135 -7.64 -23.64 -1.66
N ARG B 136 -6.61 -23.63 -2.50
CA ARG B 136 -5.61 -24.70 -2.49
C ARG B 136 -4.69 -24.52 -1.30
N LEU B 137 -4.58 -25.57 -0.48
CA LEU B 137 -3.75 -25.54 0.72
C LEU B 137 -2.39 -26.20 0.52
N PHE B 138 -2.35 -27.33 -0.16
CA PHE B 138 -1.11 -28.07 -0.39
C PHE B 138 -0.76 -28.07 -1.88
N ARG B 139 0.52 -27.97 -2.17
CA ARG B 139 1.01 -28.08 -3.54
C ARG B 139 2.51 -28.40 -3.50
N LYS B 140 2.94 -29.25 -4.43
CA LYS B 140 4.33 -29.69 -4.44
C LYS B 140 5.30 -28.56 -4.79
N SER B 141 4.82 -27.48 -5.38
CA SER B 141 5.67 -26.35 -5.74
C SER B 141 4.81 -25.11 -5.88
N ASN B 142 5.44 -23.95 -5.79
CA ASN B 142 4.74 -22.68 -5.92
C ASN B 142 4.30 -22.46 -7.35
N LEU B 143 3.23 -21.69 -7.51
CA LEU B 143 2.69 -21.42 -8.84
C LEU B 143 3.56 -20.42 -9.59
N LYS B 144 3.49 -20.50 -10.91
CA LYS B 144 4.11 -19.49 -11.76
C LYS B 144 3.16 -18.30 -11.94
N PRO B 145 3.68 -17.16 -12.38
CA PRO B 145 2.81 -15.99 -12.59
C PRO B 145 1.65 -16.31 -13.54
N PHE B 146 0.44 -16.03 -13.07
CA PHE B 146 -0.79 -16.26 -13.84
C PHE B 146 -0.97 -17.73 -14.18
N GLU B 147 -0.52 -18.64 -13.32
CA GLU B 147 -0.73 -20.06 -13.50
C GLU B 147 -1.90 -20.52 -12.63
N ARG B 148 -2.78 -21.33 -13.21
CA ARG B 148 -3.95 -21.85 -12.52
C ARG B 148 -3.85 -23.36 -12.42
N ASP B 149 -4.11 -23.89 -11.23
CA ASP B 149 -3.99 -25.32 -10.96
C ASP B 149 -5.32 -25.81 -10.40
N ILE B 150 -6.11 -26.46 -11.24
CA ILE B 150 -7.39 -27.04 -10.82
C ILE B 150 -7.25 -28.54 -10.51
N SER B 151 -6.02 -29.02 -10.34
CA SER B 151 -5.80 -30.43 -10.08
C SER B 151 -6.31 -30.81 -8.69
N THR B 152 -6.99 -31.97 -8.63
CA THR B 152 -7.46 -32.52 -7.36
C THR B 152 -6.67 -33.76 -6.95
N GLU B 153 -5.45 -33.90 -7.45
CA GLU B 153 -4.60 -35.02 -7.07
C GLU B 153 -4.24 -34.95 -5.59
N ILE B 154 -4.30 -36.10 -4.93
CA ILE B 154 -3.99 -36.16 -3.51
C ILE B 154 -2.53 -35.82 -3.29
N TYR B 155 -2.27 -34.85 -2.41
CA TYR B 155 -0.90 -34.43 -2.13
C TYR B 155 -0.20 -35.49 -1.28
N GLN B 156 1.00 -35.88 -1.70
CA GLN B 156 1.80 -36.87 -1.00
C GLN B 156 2.87 -36.14 -0.19
N ALA B 157 2.66 -36.05 1.12
CA ALA B 157 3.60 -35.34 1.98
C ALA B 157 4.80 -36.20 2.37
N GLY B 158 4.62 -37.52 2.44
CA GLY B 158 5.70 -38.40 2.84
C GLY B 158 6.04 -39.45 1.81
N SER B 159 6.56 -40.59 2.26
CA SER B 159 6.94 -41.68 1.36
C SER B 159 5.81 -42.66 1.10
N THR B 160 4.69 -42.53 1.80
CA THR B 160 3.59 -43.47 1.61
C THR B 160 2.79 -43.08 0.37
N PRO B 161 2.58 -44.01 -0.57
CA PRO B 161 1.76 -43.69 -1.74
C PRO B 161 0.30 -43.54 -1.35
N CYS B 162 -0.41 -42.72 -2.12
CA CYS B 162 -1.81 -42.39 -1.83
C CYS B 162 -2.79 -43.14 -2.73
N ASN B 163 -2.51 -43.22 -4.04
CA ASN B 163 -3.37 -43.90 -5.00
C ASN B 163 -4.79 -43.32 -5.00
N GLY B 164 -4.91 -42.01 -4.76
CA GLY B 164 -6.20 -41.38 -4.73
C GLY B 164 -7.01 -41.62 -3.47
N VAL B 165 -6.37 -42.06 -2.38
CA VAL B 165 -7.04 -42.31 -1.12
C VAL B 165 -6.37 -41.46 -0.04
N GLU B 166 -7.18 -40.77 0.74
CA GLU B 166 -6.66 -39.90 1.79
C GLU B 166 -6.12 -40.72 2.95
N GLY B 167 -5.42 -40.05 3.86
CA GLY B 167 -4.82 -40.68 5.01
C GLY B 167 -3.63 -39.87 5.49
N PHE B 168 -2.73 -40.56 6.19
CA PHE B 168 -1.51 -39.92 6.66
C PHE B 168 -0.59 -39.62 5.50
N ASN B 169 -0.05 -38.40 5.47
CA ASN B 169 0.78 -37.90 4.37
C ASN B 169 0.04 -37.95 3.03
N CYS B 170 -1.29 -38.00 3.05
CA CYS B 170 -2.13 -38.04 1.86
C CYS B 170 -3.35 -37.16 2.13
N TYR B 171 -3.19 -35.85 1.90
CA TYR B 171 -4.21 -34.87 2.20
C TYR B 171 -4.82 -34.34 0.91
N PHE B 172 -6.10 -34.01 0.97
CA PHE B 172 -6.78 -33.42 -0.18
C PHE B 172 -6.23 -32.03 -0.45
N PRO B 173 -5.95 -31.68 -1.71
CA PRO B 173 -5.25 -30.42 -1.98
C PRO B 173 -6.10 -29.19 -1.68
N LEU B 174 -7.41 -29.27 -1.80
CA LEU B 174 -8.26 -28.10 -1.61
C LEU B 174 -8.77 -28.02 -0.17
N GLN B 175 -9.42 -26.91 0.15
CA GLN B 175 -9.91 -26.64 1.49
C GLN B 175 -10.92 -25.52 1.42
N SER B 176 -11.97 -25.61 2.23
CA SER B 176 -13.03 -24.61 2.22
C SER B 176 -12.76 -23.51 3.24
N TYR B 177 -13.33 -22.33 2.97
CA TYR B 177 -13.21 -21.21 3.87
C TYR B 177 -14.21 -21.30 5.02
N GLY B 178 -15.47 -21.56 4.70
CA GLY B 178 -16.52 -21.56 5.70
C GLY B 178 -16.86 -20.16 6.17
N PHE B 179 -17.12 -19.27 5.22
CA PHE B 179 -17.40 -17.88 5.56
C PHE B 179 -18.67 -17.78 6.39
N GLN B 180 -18.53 -17.26 7.61
CA GLN B 180 -19.65 -17.01 8.49
C GLN B 180 -19.77 -15.52 8.77
N PRO B 181 -20.99 -14.99 8.89
CA PRO B 181 -21.15 -13.53 9.08
C PRO B 181 -20.65 -13.02 10.42
N THR B 182 -20.35 -13.90 11.37
CA THR B 182 -19.90 -13.51 12.70
C THR B 182 -18.38 -13.53 12.85
N ASN B 183 -17.65 -13.88 11.79
CA ASN B 183 -16.19 -13.90 11.87
C ASN B 183 -15.64 -12.47 11.94
N GLY B 184 -14.35 -12.38 12.21
CA GLY B 184 -13.69 -11.10 12.24
C GLY B 184 -13.55 -10.50 10.85
N VAL B 185 -13.16 -9.22 10.82
CA VAL B 185 -13.01 -8.52 9.55
C VAL B 185 -11.92 -9.15 8.69
N GLY B 186 -10.94 -9.80 9.32
CA GLY B 186 -9.91 -10.48 8.57
C GLY B 186 -10.33 -11.80 7.96
N TYR B 187 -11.37 -12.44 8.51
CA TYR B 187 -11.86 -13.70 8.00
C TYR B 187 -13.07 -13.56 7.07
N GLN B 188 -13.66 -12.38 7.00
CA GLN B 188 -14.82 -12.18 6.14
C GLN B 188 -14.43 -12.26 4.67
N PRO B 189 -15.36 -12.64 3.80
CA PRO B 189 -15.03 -12.79 2.37
C PRO B 189 -14.89 -11.44 1.68
N TYR B 190 -13.85 -11.33 0.86
CA TYR B 190 -13.59 -10.13 0.05
C TYR B 190 -13.48 -10.55 -1.41
N ARG B 191 -14.21 -9.86 -2.28
CA ARG B 191 -14.11 -10.10 -3.71
C ARG B 191 -12.98 -9.27 -4.30
N VAL B 192 -12.09 -9.93 -5.02
CA VAL B 192 -10.88 -9.30 -5.57
C VAL B 192 -10.94 -9.35 -7.09
N VAL B 193 -10.65 -8.22 -7.72
CA VAL B 193 -10.58 -8.12 -9.18
C VAL B 193 -9.21 -7.56 -9.54
N VAL B 194 -8.41 -8.36 -10.22
CA VAL B 194 -7.03 -8.00 -10.55
C VAL B 194 -6.98 -7.72 -12.05
N LEU B 195 -6.92 -6.43 -12.39
CA LEU B 195 -6.79 -6.03 -13.79
C LEU B 195 -5.33 -6.11 -14.23
N SER B 196 -5.09 -6.75 -15.37
CA SER B 196 -3.76 -6.90 -15.92
C SER B 196 -3.63 -6.05 -17.17
N PHE B 197 -2.62 -5.19 -17.20
CA PHE B 197 -2.37 -4.30 -18.33
C PHE B 197 -1.28 -4.92 -19.20
N GLU B 198 -1.70 -5.52 -20.31
CA GLU B 198 -0.83 -6.26 -21.20
C GLU B 198 -0.61 -5.47 -22.49
N LEU B 199 0.65 -5.45 -22.95
CA LEU B 199 1.03 -4.71 -24.16
C LEU B 199 1.84 -5.65 -25.05
N LEU B 200 1.17 -6.26 -26.02
CA LEU B 200 1.79 -7.25 -26.89
C LEU B 200 2.20 -6.62 -28.22
N HIS B 201 2.36 -7.44 -29.26
CA HIS B 201 2.78 -6.97 -30.57
C HIS B 201 1.64 -6.36 -31.37
N ALA B 202 0.40 -6.52 -30.92
CA ALA B 202 -0.78 -6.01 -31.61
C ALA B 202 -1.05 -4.56 -31.22
N PRO B 203 -1.75 -3.81 -32.06
CA PRO B 203 -2.10 -2.43 -31.70
C PRO B 203 -2.97 -2.38 -30.46
N ALA B 204 -2.84 -1.30 -29.70
CA ALA B 204 -3.57 -1.14 -28.45
C ALA B 204 -5.06 -0.90 -28.73
N THR B 205 -5.90 -1.45 -27.87
CA THR B 205 -7.35 -1.37 -28.03
C THR B 205 -8.08 -0.81 -26.83
N VAL B 206 -7.41 -0.61 -25.70
CA VAL B 206 -8.06 -0.13 -24.48
C VAL B 206 -7.44 1.21 -24.12
N CYS B 207 -8.08 2.31 -24.53
CA CYS B 207 -7.61 3.64 -24.17
C CYS B 207 -8.67 4.41 -23.41
N GLY B 208 -9.09 5.55 -23.95
CA GLY B 208 -10.17 6.33 -23.40
C GLY B 208 -9.70 7.47 -22.51
N PRO B 209 -9.23 8.56 -23.13
CA PRO B 209 -8.74 9.75 -22.41
C PRO B 209 -9.84 10.43 -21.61
N GLN C 1 -6.74 -41.59 10.45
CA GLN C 1 -7.81 -42.11 11.29
C GLN C 1 -9.18 -41.76 10.72
N VAL C 2 -9.33 -40.52 10.26
CA VAL C 2 -10.59 -40.07 9.69
C VAL C 2 -10.69 -40.56 8.25
N GLN C 3 -11.82 -41.17 7.90
CA GLN C 3 -12.04 -41.71 6.57
C GLN C 3 -13.43 -41.32 6.08
N LEU C 4 -13.51 -41.03 4.78
CA LEU C 4 -14.79 -40.79 4.11
C LEU C 4 -14.84 -41.69 2.88
N VAL C 5 -15.76 -42.64 2.88
CA VAL C 5 -15.87 -43.64 1.81
C VAL C 5 -17.07 -43.29 0.94
N GLU C 6 -16.79 -42.97 -0.32
CA GLU C 6 -17.86 -42.66 -1.26
C GLU C 6 -18.31 -43.91 -2.00
N SER C 7 -19.55 -43.88 -2.47
CA SER C 7 -20.13 -45.02 -3.15
C SER C 7 -21.38 -44.58 -3.89
N GLY C 8 -21.65 -45.21 -5.03
CA GLY C 8 -22.86 -45.00 -5.77
C GLY C 8 -22.72 -44.30 -7.12
N GLY C 9 -21.55 -44.35 -7.75
CA GLY C 9 -21.37 -43.77 -9.07
C GLY C 9 -21.88 -44.70 -10.15
N GLY C 10 -21.41 -44.47 -11.37
CA GLY C 10 -21.68 -45.35 -12.48
C GLY C 10 -22.34 -44.63 -13.64
N LEU C 11 -22.63 -45.40 -14.68
CA LEU C 11 -23.24 -44.89 -15.91
C LEU C 11 -24.75 -44.85 -15.74
N VAL C 12 -25.37 -43.83 -16.31
CA VAL C 12 -26.82 -43.62 -16.21
C VAL C 12 -27.28 -42.89 -17.46
N GLN C 13 -28.42 -43.33 -18.01
CA GLN C 13 -28.98 -42.68 -19.19
C GLN C 13 -29.64 -41.36 -18.80
N PRO C 14 -29.72 -40.40 -19.72
CA PRO C 14 -30.35 -39.11 -19.41
C PRO C 14 -31.78 -39.30 -18.91
N GLY C 15 -32.00 -38.93 -17.65
CA GLY C 15 -33.26 -39.13 -16.98
C GLY C 15 -33.22 -40.14 -15.85
N GLY C 16 -32.11 -40.84 -15.67
CA GLY C 16 -32.00 -41.84 -14.63
C GLY C 16 -31.87 -41.21 -13.26
N SER C 17 -31.66 -42.09 -12.26
CA SER C 17 -31.56 -41.67 -10.88
C SER C 17 -30.38 -42.37 -10.22
N LEU C 18 -29.70 -41.63 -9.33
CA LEU C 18 -28.56 -42.16 -8.58
C LEU C 18 -28.70 -41.77 -7.12
N ARG C 19 -28.01 -42.52 -6.27
CA ARG C 19 -27.98 -42.25 -4.83
C ARG C 19 -26.55 -42.48 -4.34
N LEU C 20 -25.81 -41.38 -4.16
CA LEU C 20 -24.44 -41.44 -3.67
C LEU C 20 -24.44 -41.50 -2.15
N SER C 21 -23.48 -42.25 -1.60
CA SER C 21 -23.37 -42.43 -0.17
C SER C 21 -21.97 -42.03 0.30
N CYS C 22 -21.90 -41.54 1.54
CA CYS C 22 -20.65 -41.12 2.16
C CYS C 22 -20.56 -41.76 3.53
N ALA C 23 -19.58 -42.65 3.71
CA ALA C 23 -19.41 -43.38 4.95
C ALA C 23 -18.36 -42.69 5.82
N ALA C 24 -18.78 -42.18 6.97
CA ALA C 24 -17.92 -41.43 7.86
C ALA C 24 -17.53 -42.29 9.06
N SER C 25 -16.24 -42.34 9.36
CA SER C 25 -15.73 -43.09 10.50
C SER C 25 -14.49 -42.41 11.04
N GLY C 26 -14.43 -42.25 12.35
CA GLY C 26 -13.28 -41.65 13.01
C GLY C 26 -13.50 -40.30 13.65
N PHE C 27 -14.74 -39.83 13.72
CA PHE C 27 -15.03 -38.54 14.35
C PHE C 27 -16.52 -38.48 14.67
N THR C 28 -16.90 -37.45 15.41
CA THR C 28 -18.30 -37.24 15.78
C THR C 28 -19.08 -36.75 14.56
N PHE C 29 -19.88 -37.63 13.96
CA PHE C 29 -20.60 -37.28 12.75
C PHE C 29 -21.77 -36.34 13.03
N LYS C 30 -22.43 -36.49 14.18
CA LYS C 30 -23.60 -35.68 14.48
C LYS C 30 -23.27 -34.20 14.60
N ASN C 31 -21.99 -33.85 14.75
CA ASN C 31 -21.59 -32.46 14.85
C ASN C 31 -20.64 -32.09 13.71
N ALA C 32 -21.08 -32.30 12.48
CA ALA C 32 -20.26 -32.01 11.31
C ALA C 32 -21.15 -31.60 10.15
N ASP C 33 -20.61 -30.74 9.30
CA ASP C 33 -21.28 -30.28 8.08
C ASP C 33 -20.80 -31.11 6.91
N MET C 34 -21.73 -31.54 6.07
CA MET C 34 -21.44 -32.41 4.93
C MET C 34 -21.80 -31.69 3.64
N ASN C 35 -20.85 -31.66 2.70
CA ASN C 35 -21.00 -30.93 1.45
C ASN C 35 -20.65 -31.84 0.28
N TRP C 36 -21.24 -31.54 -0.88
CA TRP C 36 -21.00 -32.29 -2.10
C TRP C 36 -20.48 -31.37 -3.19
N TYR C 37 -19.47 -31.84 -3.92
CA TYR C 37 -18.88 -31.11 -5.04
C TYR C 37 -18.70 -32.05 -6.21
N ARG C 38 -18.92 -31.53 -7.42
CA ARG C 38 -18.66 -32.28 -8.64
C ARG C 38 -17.63 -31.54 -9.49
N GLN C 39 -16.81 -32.32 -10.19
CA GLN C 39 -15.71 -31.78 -10.98
C GLN C 39 -15.78 -32.35 -12.39
N VAL C 40 -16.08 -31.49 -13.36
CA VAL C 40 -16.00 -31.88 -14.77
C VAL C 40 -14.53 -31.82 -15.19
N PRO C 41 -14.02 -32.84 -15.90
CA PRO C 41 -12.62 -32.79 -16.33
C PRO C 41 -12.30 -31.57 -17.18
N GLY C 42 -11.55 -30.63 -16.60
CA GLY C 42 -11.25 -29.36 -17.25
C GLY C 42 -11.66 -28.13 -16.46
N GLN C 43 -12.49 -28.28 -15.42
CA GLN C 43 -12.93 -27.17 -14.60
C GLN C 43 -12.64 -27.46 -13.14
N GLY C 44 -12.85 -26.44 -12.30
CA GLY C 44 -12.71 -26.60 -10.87
C GLY C 44 -13.93 -27.24 -10.24
N LEU C 45 -13.82 -27.49 -8.94
CA LEU C 45 -14.94 -28.09 -8.20
C LEU C 45 -16.12 -27.12 -8.16
N GLU C 46 -17.32 -27.68 -8.30
CA GLU C 46 -18.55 -26.92 -8.21
C GLU C 46 -19.33 -27.38 -6.98
N TRP C 47 -19.67 -26.42 -6.12
CA TRP C 47 -20.48 -26.74 -4.95
C TRP C 47 -21.86 -27.20 -5.38
N VAL C 48 -22.21 -28.43 -4.99
CA VAL C 48 -23.49 -29.02 -5.38
C VAL C 48 -24.54 -28.70 -4.32
N THR C 49 -24.27 -29.10 -3.09
CA THR C 49 -25.23 -28.94 -2.01
C THR C 49 -24.51 -29.10 -0.68
N SER C 50 -25.24 -28.83 0.41
CA SER C 50 -24.68 -28.90 1.75
C SER C 50 -25.78 -29.13 2.75
N ILE C 51 -25.45 -29.82 3.83
CA ILE C 51 -26.36 -30.04 4.96
C ILE C 51 -25.57 -29.86 6.24
N TYR C 52 -26.01 -28.93 7.09
CA TYR C 52 -25.28 -28.59 8.30
C TYR C 52 -25.67 -29.54 9.44
N SER C 53 -25.04 -29.35 10.60
CA SER C 53 -25.44 -30.11 11.78
C SER C 53 -26.84 -29.74 12.25
N ASP C 54 -27.30 -28.53 11.92
CA ASP C 54 -28.65 -28.10 12.25
C ASP C 54 -29.71 -28.83 11.43
N GLY C 55 -29.31 -29.61 10.43
CA GLY C 55 -30.23 -30.24 9.52
C GLY C 55 -30.65 -29.38 8.34
N ARG C 56 -30.27 -28.11 8.33
CA ARG C 56 -30.61 -27.22 7.22
C ARG C 56 -29.90 -27.66 5.96
N THR C 57 -30.64 -27.70 4.85
CA THR C 57 -30.12 -28.16 3.56
C THR C 57 -30.12 -26.99 2.58
N VAL C 58 -29.00 -26.79 1.91
CA VAL C 58 -28.84 -25.73 0.92
C VAL C 58 -28.41 -26.38 -0.40
N TYR C 59 -29.12 -26.06 -1.47
CA TYR C 59 -28.87 -26.63 -2.79
C TYR C 59 -28.51 -25.52 -3.78
N ALA C 60 -27.69 -25.88 -4.76
CA ALA C 60 -27.37 -24.97 -5.85
C ALA C 60 -28.56 -24.82 -6.78
N ASP C 61 -28.62 -23.67 -7.47
CA ASP C 61 -29.74 -23.41 -8.37
C ASP C 61 -29.73 -24.29 -9.60
N SER C 62 -28.59 -24.92 -9.91
CA SER C 62 -28.51 -25.82 -11.06
C SER C 62 -29.12 -27.18 -10.79
N VAL C 63 -29.25 -27.59 -9.53
CA VAL C 63 -29.81 -28.89 -9.19
C VAL C 63 -30.93 -28.70 -8.17
N LYS C 64 -31.48 -27.49 -8.11
CA LYS C 64 -32.54 -27.20 -7.16
C LYS C 64 -33.80 -27.98 -7.54
N GLY C 65 -34.37 -28.68 -6.56
CA GLY C 65 -35.55 -29.49 -6.79
C GLY C 65 -35.30 -30.84 -7.43
N ARG C 66 -34.08 -31.11 -7.91
CA ARG C 66 -33.75 -32.40 -8.50
C ARG C 66 -32.88 -33.27 -7.60
N PHE C 67 -32.03 -32.67 -6.77
CA PHE C 67 -31.20 -33.40 -5.83
C PHE C 67 -31.79 -33.33 -4.43
N THR C 68 -31.33 -34.24 -3.57
CA THR C 68 -31.79 -34.29 -2.19
C THR C 68 -30.69 -34.91 -1.33
N VAL C 69 -30.43 -34.30 -0.18
CA VAL C 69 -29.39 -34.76 0.74
C VAL C 69 -30.05 -35.37 1.97
N SER C 70 -29.58 -36.55 2.36
CA SER C 70 -30.03 -37.22 3.56
C SER C 70 -28.89 -37.28 4.58
N ARG C 71 -29.27 -37.40 5.86
CA ARG C 71 -28.30 -37.45 6.95
C ARG C 71 -28.78 -38.48 7.97
N ASP C 72 -28.22 -39.69 7.88
CA ASP C 72 -28.53 -40.76 8.83
C ASP C 72 -27.44 -40.72 9.90
N ASN C 73 -27.68 -39.92 10.94
CA ASN C 73 -26.66 -39.70 11.97
C ASN C 73 -26.26 -40.97 12.71
N PRO C 74 -27.18 -41.85 13.14
CA PRO C 74 -26.71 -43.11 13.76
C PRO C 74 -25.87 -43.96 12.84
N LYS C 75 -26.23 -44.04 11.55
CA LYS C 75 -25.43 -44.76 10.57
C LYS C 75 -24.24 -43.95 10.07
N SER C 76 -24.22 -42.64 10.34
CA SER C 76 -23.18 -41.73 9.84
C SER C 76 -23.02 -41.85 8.33
N THR C 77 -24.11 -41.52 7.63
CA THR C 77 -24.18 -41.67 6.19
C THR C 77 -24.76 -40.40 5.58
N VAL C 78 -24.09 -39.88 4.55
CA VAL C 78 -24.58 -38.75 3.77
C VAL C 78 -25.06 -39.29 2.43
N SER C 79 -26.36 -39.17 2.17
CA SER C 79 -26.97 -39.67 0.96
C SER C 79 -27.38 -38.52 0.07
N LEU C 80 -27.03 -38.60 -1.21
CA LEU C 80 -27.38 -37.58 -2.21
C LEU C 80 -28.27 -38.25 -3.25
N GLN C 81 -29.58 -38.06 -3.12
CA GLN C 81 -30.54 -38.58 -4.09
C GLN C 81 -30.47 -37.73 -5.35
N MET C 82 -29.78 -38.22 -6.37
CA MET C 82 -29.66 -37.53 -7.65
C MET C 82 -30.75 -38.05 -8.58
N ASN C 83 -31.74 -37.22 -8.85
CA ASN C 83 -32.90 -37.61 -9.64
C ASN C 83 -32.97 -36.77 -10.90
N SER C 84 -33.44 -37.40 -11.98
CA SER C 84 -33.60 -36.75 -13.28
C SER C 84 -32.27 -36.16 -13.77
N LEU C 85 -31.31 -37.04 -14.01
CA LEU C 85 -29.97 -36.58 -14.34
C LEU C 85 -29.92 -36.00 -15.75
N LYS C 86 -28.98 -35.08 -15.94
CA LYS C 86 -28.74 -34.39 -17.20
C LYS C 86 -27.31 -34.66 -17.66
N PRO C 87 -27.02 -34.45 -18.94
CA PRO C 87 -25.63 -34.59 -19.40
C PRO C 87 -24.68 -33.62 -18.73
N GLU C 88 -25.17 -32.49 -18.23
CA GLU C 88 -24.33 -31.51 -17.56
C GLU C 88 -23.95 -31.93 -16.14
N ASP C 89 -24.49 -33.04 -15.65
CA ASP C 89 -24.16 -33.55 -14.32
C ASP C 89 -23.01 -34.54 -14.33
N THR C 90 -22.37 -34.73 -15.48
CA THR C 90 -21.25 -35.66 -15.57
C THR C 90 -20.04 -35.12 -14.84
N GLY C 91 -19.41 -35.96 -14.04
CA GLY C 91 -18.22 -35.55 -13.31
C GLY C 91 -18.02 -36.39 -12.07
N VAL C 92 -16.88 -36.17 -11.43
CA VAL C 92 -16.51 -36.89 -10.22
C VAL C 92 -17.06 -36.13 -9.03
N TYR C 93 -17.85 -36.81 -8.20
CA TYR C 93 -18.50 -36.20 -7.04
C TYR C 93 -17.72 -36.50 -5.77
N TYR C 94 -17.55 -35.47 -4.94
CA TYR C 94 -16.81 -35.58 -3.69
C TYR C 94 -17.71 -35.17 -2.52
N CYS C 95 -17.68 -35.96 -1.45
CA CYS C 95 -18.30 -35.58 -0.19
C CYS C 95 -17.21 -35.16 0.80
N MET C 96 -17.48 -34.06 1.50
CA MET C 96 -16.51 -33.46 2.40
C MET C 96 -17.18 -33.17 3.74
N ALA C 97 -16.40 -33.26 4.82
CA ALA C 97 -16.91 -33.01 6.15
C ALA C 97 -16.44 -31.67 6.70
N GLY C 98 -15.54 -31.69 7.67
CA GLY C 98 -15.07 -30.47 8.30
C GLY C 98 -16.16 -29.70 9.02
N GLU C 104 -9.29 -26.18 13.06
CA GLU C 104 -10.28 -26.79 12.20
C GLU C 104 -9.66 -27.24 10.88
N LEU C 105 -10.15 -28.36 10.35
CA LEU C 105 -9.64 -28.92 9.10
C LEU C 105 -10.76 -29.70 8.43
N ASP C 106 -10.63 -29.88 7.12
CA ASP C 106 -11.61 -30.59 6.32
C ASP C 106 -11.13 -32.00 6.00
N HIS C 107 -12.07 -32.84 5.58
CA HIS C 107 -11.78 -34.21 5.18
C HIS C 107 -12.64 -34.54 3.96
N TRP C 108 -12.03 -35.14 2.95
CA TRP C 108 -12.68 -35.39 1.68
C TRP C 108 -12.72 -36.89 1.39
N GLY C 109 -13.66 -37.27 0.51
CA GLY C 109 -13.74 -38.64 0.06
C GLY C 109 -12.89 -38.90 -1.18
N GLN C 110 -12.86 -40.18 -1.58
CA GLN C 110 -12.03 -40.54 -2.72
C GLN C 110 -12.64 -40.13 -4.06
N GLY C 111 -13.95 -39.91 -4.10
CA GLY C 111 -14.60 -39.51 -5.34
C GLY C 111 -15.24 -40.69 -6.05
N THR C 112 -16.31 -40.40 -6.80
CA THR C 112 -17.04 -41.41 -7.56
C THR C 112 -17.44 -40.81 -8.90
N GLN C 113 -17.05 -41.48 -9.98
CA GLN C 113 -17.37 -40.98 -11.31
C GLN C 113 -18.84 -41.17 -11.62
N VAL C 114 -19.47 -40.14 -12.17
CA VAL C 114 -20.87 -40.17 -12.58
C VAL C 114 -20.92 -39.69 -14.02
N THR C 115 -21.48 -40.53 -14.91
CA THR C 115 -21.53 -40.25 -16.34
C THR C 115 -22.97 -40.31 -16.81
N VAL C 116 -23.36 -39.32 -17.61
CA VAL C 116 -24.68 -39.25 -18.23
C VAL C 116 -24.46 -39.04 -19.72
N SER C 117 -24.60 -40.12 -20.50
CA SER C 117 -24.38 -40.08 -21.94
C SER C 117 -25.38 -40.98 -22.62
N SER C 118 -25.26 -41.11 -23.94
CA SER C 118 -26.15 -41.94 -24.73
C SER C 118 -25.40 -42.71 -25.81
N GLN D 1 16.10 16.52 -21.52
CA GLN D 1 15.08 16.74 -20.50
C GLN D 1 15.02 15.58 -19.51
N VAL D 2 15.30 15.87 -18.25
CA VAL D 2 15.27 14.86 -17.20
C VAL D 2 13.83 14.64 -16.78
N GLN D 3 13.42 13.37 -16.69
CA GLN D 3 12.06 13.00 -16.32
C GLN D 3 12.09 11.93 -15.23
N LEU D 4 11.15 12.04 -14.28
CA LEU D 4 10.94 11.02 -13.26
C LEU D 4 9.46 10.69 -13.24
N VAL D 5 9.13 9.45 -13.61
CA VAL D 5 7.75 9.00 -13.72
C VAL D 5 7.45 8.11 -12.53
N GLU D 6 6.52 8.55 -11.69
CA GLU D 6 6.12 7.78 -10.51
C GLU D 6 4.93 6.90 -10.85
N SER D 7 4.78 5.83 -10.07
CA SER D 7 3.72 4.85 -10.29
C SER D 7 3.62 3.96 -9.06
N GLY D 8 2.40 3.54 -8.76
CA GLY D 8 2.15 2.58 -7.70
C GLY D 8 1.41 3.08 -6.47
N GLY D 9 0.63 4.14 -6.58
CA GLY D 9 -0.18 4.60 -5.47
C GLY D 9 -1.45 3.81 -5.33
N GLY D 10 -2.43 4.40 -4.64
CA GLY D 10 -3.76 3.85 -4.53
C GLY D 10 -4.18 3.64 -3.09
N LEU D 11 -5.41 3.13 -2.95
CA LEU D 11 -6.02 2.87 -1.65
C LEU D 11 -5.62 1.49 -1.15
N VAL D 12 -5.39 1.39 0.16
CA VAL D 12 -4.97 0.14 0.79
C VAL D 12 -5.47 0.14 2.23
N GLN D 13 -5.97 -1.01 2.68
CA GLN D 13 -6.42 -1.17 4.05
C GLN D 13 -5.23 -1.27 5.00
N PRO D 14 -5.42 -0.88 6.27
CA PRO D 14 -4.31 -0.97 7.24
C PRO D 14 -3.75 -2.38 7.32
N GLY D 15 -2.48 -2.52 6.94
CA GLY D 15 -1.81 -3.80 6.86
C GLY D 15 -1.43 -4.23 5.47
N GLY D 16 -1.87 -3.51 4.44
CA GLY D 16 -1.57 -3.87 3.07
C GLY D 16 -0.14 -3.58 2.68
N SER D 17 0.14 -3.80 1.40
CA SER D 17 1.48 -3.62 0.85
C SER D 17 1.39 -2.89 -0.48
N LEU D 18 2.37 -2.02 -0.74
CA LEU D 18 2.45 -1.27 -1.98
C LEU D 18 3.87 -1.32 -2.53
N ARG D 19 3.99 -1.06 -3.83
CA ARG D 19 5.29 -1.01 -4.49
C ARG D 19 5.29 0.17 -5.46
N LEU D 20 5.90 1.27 -5.03
CA LEU D 20 6.01 2.46 -5.87
C LEU D 20 7.25 2.36 -6.74
N SER D 21 7.15 2.87 -7.97
CA SER D 21 8.23 2.82 -8.93
C SER D 21 8.56 4.22 -9.42
N CYS D 22 9.83 4.43 -9.76
CA CYS D 22 10.31 5.72 -10.24
C CYS D 22 11.10 5.47 -11.53
N ALA D 23 10.60 5.97 -12.65
CA ALA D 23 11.21 5.75 -13.96
C ALA D 23 12.10 6.94 -14.28
N ALA D 24 13.40 6.69 -14.38
CA ALA D 24 14.39 7.74 -14.60
C ALA D 24 14.87 7.70 -16.05
N SER D 25 14.87 8.87 -16.69
CA SER D 25 15.35 8.99 -18.07
C SER D 25 15.96 10.36 -18.25
N GLY D 26 17.14 10.42 -18.87
CA GLY D 26 17.81 11.67 -19.16
C GLY D 26 19.09 11.91 -18.40
N PHE D 27 19.60 10.92 -17.67
CA PHE D 27 20.84 11.08 -16.93
C PHE D 27 21.38 9.70 -16.57
N THR D 28 22.60 9.68 -16.06
CA THR D 28 23.25 8.44 -15.65
C THR D 28 22.61 7.96 -14.35
N PHE D 29 21.79 6.91 -14.44
CA PHE D 29 21.08 6.43 -13.26
C PHE D 29 22.02 5.71 -12.29
N LYS D 30 23.00 4.98 -12.82
CA LYS D 30 23.91 4.23 -11.96
C LYS D 30 24.75 5.13 -11.07
N ASN D 31 24.86 6.41 -11.41
CA ASN D 31 25.64 7.35 -10.61
C ASN D 31 24.76 8.49 -10.12
N ALA D 32 23.68 8.16 -9.42
CA ALA D 32 22.75 9.17 -8.91
C ALA D 32 22.15 8.68 -7.60
N ASP D 33 21.80 9.63 -6.74
CA ASP D 33 21.16 9.33 -5.47
C ASP D 33 19.65 9.50 -5.62
N MET D 34 18.90 8.54 -5.09
CA MET D 34 17.45 8.52 -5.21
C MET D 34 16.83 8.59 -3.82
N ASN D 35 15.88 9.51 -3.64
CA ASN D 35 15.28 9.77 -2.35
C ASN D 35 13.77 9.76 -2.45
N TRP D 36 13.11 9.42 -1.34
CA TRP D 36 11.66 9.37 -1.26
C TRP D 36 11.18 10.29 -0.14
N TYR D 37 10.12 11.04 -0.43
CA TYR D 37 9.49 11.93 0.53
C TYR D 37 7.98 11.77 0.47
N ARG D 38 7.32 11.87 1.61
CA ARG D 38 5.87 11.87 1.66
C ARG D 38 5.38 13.17 2.29
N GLN D 39 4.24 13.66 1.80
CA GLN D 39 3.68 14.94 2.24
C GLN D 39 2.22 14.73 2.60
N VAL D 40 1.90 14.86 3.87
CA VAL D 40 0.50 14.85 4.30
C VAL D 40 -0.11 16.22 3.99
N PRO D 41 -1.31 16.28 3.39
CA PRO D 41 -1.91 17.58 3.07
C PRO D 41 -2.07 18.47 4.31
N GLY D 42 -1.26 19.50 4.40
CA GLY D 42 -1.23 20.40 5.55
C GLY D 42 0.12 20.50 6.22
N GLN D 43 1.06 19.61 5.93
CA GLN D 43 2.39 19.64 6.51
C GLN D 43 3.43 19.61 5.40
N GLY D 44 4.69 19.79 5.78
CA GLY D 44 5.78 19.71 4.82
C GLY D 44 6.17 18.29 4.49
N LEU D 45 7.09 18.17 3.54
CA LEU D 45 7.60 16.86 3.15
C LEU D 45 8.38 16.22 4.28
N GLU D 46 8.22 14.91 4.43
CA GLU D 46 8.97 14.12 5.39
C GLU D 46 9.86 13.14 4.64
N TRP D 47 11.15 13.18 4.94
CA TRP D 47 12.09 12.25 4.32
C TRP D 47 11.76 10.83 4.72
N VAL D 48 11.47 9.98 3.72
CA VAL D 48 11.06 8.61 3.97
C VAL D 48 12.28 7.71 3.98
N THR D 49 13.02 7.69 2.88
CA THR D 49 14.17 6.80 2.74
C THR D 49 15.03 7.30 1.58
N SER D 50 16.20 6.67 1.45
CA SER D 50 17.15 7.05 0.41
C SER D 50 18.07 5.87 0.13
N ILE D 51 18.52 5.77 -1.12
CA ILE D 51 19.50 4.77 -1.52
C ILE D 51 20.49 5.44 -2.46
N TYR D 52 21.78 5.39 -2.11
CA TYR D 52 22.81 6.07 -2.87
C TYR D 52 23.29 5.19 -4.02
N SER D 53 24.24 5.71 -4.81
CA SER D 53 24.86 4.92 -5.86
C SER D 53 25.69 3.77 -5.29
N ASP D 54 26.16 3.91 -4.05
CA ASP D 54 26.90 2.83 -3.39
C ASP D 54 26.03 1.65 -3.03
N GLY D 55 24.71 1.76 -3.18
CA GLY D 55 23.79 0.72 -2.78
C GLY D 55 23.37 0.77 -1.32
N ARG D 56 23.97 1.66 -0.52
CA ARG D 56 23.60 1.77 0.87
C ARG D 56 22.19 2.32 1.02
N THR D 57 21.41 1.71 1.90
CA THR D 57 20.02 2.08 2.12
C THR D 57 19.86 2.65 3.52
N VAL D 58 19.22 3.82 3.61
CA VAL D 58 18.97 4.49 4.88
C VAL D 58 17.46 4.73 4.99
N TYR D 59 16.88 4.31 6.11
CA TYR D 59 15.45 4.42 6.33
C TYR D 59 15.17 5.29 7.55
N ALA D 60 14.04 5.98 7.52
CA ALA D 60 13.60 6.73 8.69
C ALA D 60 13.10 5.77 9.77
N ASP D 61 13.18 6.22 11.02
CA ASP D 61 12.77 5.38 12.14
C ASP D 61 11.27 5.17 12.20
N SER D 62 10.49 5.98 11.47
CA SER D 62 9.05 5.81 11.42
C SER D 62 8.63 4.65 10.52
N VAL D 63 9.49 4.24 9.60
CA VAL D 63 9.18 3.16 8.67
C VAL D 63 10.27 2.09 8.72
N LYS D 64 10.98 2.01 9.84
CA LYS D 64 12.05 1.03 9.98
C LYS D 64 11.51 -0.39 9.96
N GLY D 65 12.09 -1.23 9.11
CA GLY D 65 11.69 -2.61 8.98
C GLY D 65 10.43 -2.84 8.19
N ARG D 66 9.69 -1.79 7.83
CA ARG D 66 8.46 -1.93 7.06
C ARG D 66 8.61 -1.54 5.60
N PHE D 67 9.47 -0.57 5.30
CA PHE D 67 9.72 -0.17 3.92
C PHE D 67 11.04 -0.75 3.43
N THR D 68 11.21 -0.77 2.11
CA THR D 68 12.42 -1.27 1.49
C THR D 68 12.58 -0.62 0.13
N VAL D 69 13.79 -0.18 -0.17
CA VAL D 69 14.10 0.50 -1.43
C VAL D 69 14.89 -0.44 -2.32
N SER D 70 14.49 -0.52 -3.58
CA SER D 70 15.18 -1.30 -4.59
C SER D 70 15.78 -0.36 -5.63
N ARG D 71 16.82 -0.85 -6.31
CA ARG D 71 17.51 -0.06 -7.33
C ARG D 71 17.85 -0.99 -8.49
N ASP D 72 17.04 -0.94 -9.54
CA ASP D 72 17.28 -1.73 -10.75
C ASP D 72 18.04 -0.85 -11.73
N ASN D 73 19.36 -0.89 -11.62
CA ASN D 73 20.20 0.00 -12.44
C ASN D 73 20.05 -0.22 -13.93
N PRO D 74 20.04 -1.44 -14.47
CA PRO D 74 19.80 -1.58 -15.92
C PRO D 74 18.46 -1.02 -16.36
N LYS D 75 17.41 -1.24 -15.58
CA LYS D 75 16.10 -0.67 -15.88
C LYS D 75 15.98 0.79 -15.47
N SER D 76 16.91 1.29 -14.67
CA SER D 76 16.86 2.66 -14.13
C SER D 76 15.53 2.92 -13.44
N THR D 77 15.27 2.12 -12.41
CA THR D 77 14.01 2.12 -11.69
C THR D 77 14.27 2.10 -10.19
N VAL D 78 13.61 3.00 -9.46
CA VAL D 78 13.67 3.03 -8.00
C VAL D 78 12.35 2.46 -7.47
N SER D 79 12.43 1.34 -6.77
CA SER D 79 11.26 0.66 -6.24
C SER D 79 11.23 0.80 -4.73
N LEU D 80 10.10 1.20 -4.19
CA LEU D 80 9.90 1.35 -2.75
C LEU D 80 8.82 0.35 -2.32
N GLN D 81 9.26 -0.79 -1.79
CA GLN D 81 8.35 -1.81 -1.28
C GLN D 81 7.81 -1.33 0.06
N MET D 82 6.59 -0.80 0.06
CA MET D 82 5.94 -0.33 1.28
C MET D 82 5.07 -1.47 1.82
N ASN D 83 5.51 -2.07 2.91
CA ASN D 83 4.86 -3.24 3.50
C ASN D 83 4.36 -2.91 4.89
N SER D 84 3.23 -3.53 5.26
CA SER D 84 2.60 -3.36 6.58
C SER D 84 2.29 -1.89 6.85
N LEU D 85 1.40 -1.34 6.03
CA LEU D 85 1.07 0.08 6.09
C LEU D 85 0.18 0.40 7.28
N LYS D 86 0.29 1.62 7.77
CA LYS D 86 -0.51 2.18 8.84
C LYS D 86 -1.25 3.41 8.34
N PRO D 87 -2.31 3.83 9.05
CA PRO D 87 -2.99 5.08 8.65
C PRO D 87 -2.10 6.31 8.67
N GLU D 88 -1.00 6.29 9.43
CA GLU D 88 -0.10 7.43 9.48
C GLU D 88 0.77 7.56 8.24
N ASP D 89 0.72 6.60 7.32
CA ASP D 89 1.50 6.64 6.09
C ASP D 89 0.75 7.29 4.94
N THR D 90 -0.44 7.83 5.19
CA THR D 90 -1.22 8.45 4.13
C THR D 90 -0.56 9.76 3.69
N GLY D 91 -0.45 9.93 2.38
CA GLY D 91 0.14 11.13 1.83
C GLY D 91 0.67 10.89 0.43
N VAL D 92 1.09 11.99 -0.19
CA VAL D 92 1.63 11.96 -1.54
C VAL D 92 3.13 11.70 -1.46
N TYR D 93 3.59 10.67 -2.14
CA TYR D 93 5.00 10.26 -2.11
C TYR D 93 5.72 10.78 -3.36
N TYR D 94 6.92 11.31 -3.16
CA TYR D 94 7.75 11.86 -4.23
C TYR D 94 9.09 11.15 -4.26
N CYS D 95 9.53 10.76 -5.46
CA CYS D 95 10.88 10.29 -5.69
C CYS D 95 11.66 11.36 -6.43
N MET D 96 12.87 11.66 -5.98
CA MET D 96 13.67 12.70 -6.60
C MET D 96 15.12 12.24 -6.76
N ALA D 97 15.73 12.67 -7.86
CA ALA D 97 17.14 12.44 -8.14
C ALA D 97 17.87 13.77 -8.04
N GLY D 98 19.10 13.76 -7.52
CA GLY D 98 19.78 15.02 -7.35
C GLY D 98 21.29 14.92 -7.19
N SER D 99 21.94 16.06 -7.47
CA SER D 99 23.33 16.35 -7.13
C SER D 99 24.34 15.63 -8.00
N LYS D 100 25.60 15.66 -7.56
CA LYS D 100 26.77 15.08 -8.20
C LYS D 100 27.34 15.99 -9.28
N SER D 101 26.56 16.93 -9.83
CA SER D 101 27.04 17.75 -10.95
C SER D 101 27.11 19.24 -10.66
N GLY D 102 27.06 19.65 -9.40
CA GLY D 102 27.26 21.05 -9.07
C GLY D 102 26.14 22.00 -9.48
N HIS D 103 26.30 22.69 -10.60
CA HIS D 103 25.31 23.65 -11.08
C HIS D 103 24.08 22.94 -11.65
N GLU D 104 23.66 21.86 -11.01
CA GLU D 104 22.47 21.11 -11.37
C GLU D 104 21.40 21.29 -10.32
N LEU D 105 20.20 20.80 -10.62
CA LEU D 105 19.10 20.83 -9.68
C LEU D 105 18.60 19.41 -9.42
N ASP D 106 18.05 19.22 -8.23
CA ASP D 106 17.39 17.96 -7.90
C ASP D 106 16.10 17.84 -8.69
N HIS D 107 16.03 16.83 -9.56
CA HIS D 107 14.84 16.60 -10.36
C HIS D 107 13.86 15.73 -9.58
N TRP D 108 12.59 16.12 -9.59
CA TRP D 108 11.57 15.46 -8.79
C TRP D 108 10.53 14.79 -9.69
N GLY D 109 9.79 13.85 -9.11
CA GLY D 109 8.69 13.20 -9.79
C GLY D 109 7.38 13.92 -9.58
N GLN D 110 6.33 13.37 -10.20
CA GLN D 110 5.01 13.99 -10.15
C GLN D 110 4.20 13.58 -8.92
N GLY D 111 4.65 12.60 -8.16
CA GLY D 111 3.94 12.24 -6.94
C GLY D 111 2.84 11.23 -7.18
N THR D 112 2.55 10.44 -6.14
CA THR D 112 1.52 9.42 -6.19
C THR D 112 0.79 9.40 -4.85
N GLN D 113 -0.52 9.57 -4.88
CA GLN D 113 -1.30 9.60 -3.65
C GLN D 113 -1.39 8.21 -3.04
N VAL D 114 -1.17 8.11 -1.73
CA VAL D 114 -1.26 6.86 -0.99
C VAL D 114 -2.20 7.08 0.19
N THR D 115 -3.25 6.28 0.28
CA THR D 115 -4.27 6.40 1.31
C THR D 115 -4.40 5.08 2.05
N VAL D 116 -4.40 5.14 3.38
CA VAL D 116 -4.53 3.96 4.24
C VAL D 116 -5.47 4.32 5.38
N SER D 117 -6.69 3.79 5.34
CA SER D 117 -7.67 4.02 6.40
C SER D 117 -8.81 3.04 6.23
N SER D 118 -9.53 2.81 7.33
CA SER D 118 -10.68 1.90 7.33
C SER D 118 -11.69 2.30 8.39
C1 NAG E . 21.69 20.31 26.31
C2 NAG E . 21.51 21.55 27.17
C3 NAG E . 22.85 22.01 27.71
C4 NAG E . 23.56 20.88 28.44
C5 NAG E . 23.60 19.62 27.57
C6 NAG E . 24.12 18.40 28.31
C7 NAG E . 19.86 23.34 26.88
C8 NAG E . 19.31 24.41 25.98
N2 NAG E . 20.87 22.62 26.42
O3 NAG E . 22.67 23.12 28.58
O4 NAG E . 24.90 21.28 28.72
O5 NAG E . 22.30 19.27 27.09
O6 NAG E . 23.63 17.20 27.74
O7 NAG E . 19.38 23.15 28.00
C1 NAG E . 25.34 21.57 30.07
C2 NAG E . 24.39 21.14 31.24
C3 NAG E . 25.11 21.20 32.62
C4 NAG E . 26.47 20.53 32.56
C5 NAG E . 27.29 21.13 31.43
C6 NAG E . 28.67 20.53 31.30
C7 NAG E . 22.91 23.19 31.48
C8 NAG E . 24.11 24.07 31.67
N2 NAG E . 23.12 21.86 31.28
O3 NAG E . 24.30 20.57 33.60
O4 NAG E . 27.16 20.72 33.79
O5 NAG E . 26.61 20.89 30.19
O6 NAG E . 28.64 19.29 30.60
O7 NAG E . 21.77 23.64 31.48
C1 NAG F . -23.57 -2.05 -10.25
C2 NAG F . -22.69 -1.01 -10.94
C3 NAG F . -22.71 0.29 -10.16
C4 NAG F . -24.14 0.75 -9.90
C5 NAG F . -25.01 -0.37 -9.34
C6 NAG F . -26.47 -0.03 -9.26
C7 NAG F . -20.56 -1.17 -12.14
C8 NAG F . -19.17 -1.75 -12.14
N2 NAG F . -21.34 -1.50 -11.10
O3 NAG F . -21.98 1.28 -10.87
O4 NAG F . -24.09 1.80 -8.93
O5 NAG F . -24.90 -1.55 -10.14
O6 NAG F . -27.28 -1.19 -9.29
O7 NAG F . -20.96 -0.45 -13.05
C1 NAG F . -24.32 3.20 -9.28
C2 NAG F . -24.92 3.51 -10.69
C3 NAG F . -25.42 4.97 -10.80
C4 NAG F . -26.26 5.36 -9.59
C5 NAG F . -25.48 5.08 -8.31
C6 NAG F . -26.25 5.44 -7.06
C7 NAG F . -22.83 3.71 -12.11
C8 NAG F . -22.27 4.78 -11.20
N2 NAG F . -24.03 3.18 -11.80
O3 NAG F . -26.17 5.12 -11.99
O4 NAG F . -26.57 6.76 -9.65
O5 NAG F . -25.21 3.67 -8.25
O6 NAG F . -27.10 4.38 -6.64
O7 NAG F . -22.20 3.32 -13.09
CL CL G . -3.69 -4.46 0.39
#